data_6UB1
#
_entry.id   6UB1
#
_cell.length_a   56.323
_cell.length_b   60.804
_cell.length_c   63.545
_cell.angle_alpha   69.670
_cell.angle_beta   78.240
_cell.angle_gamma   77.860
#
_symmetry.space_group_name_H-M   'P 1'
#
loop_
_entity.id
_entity.type
_entity.pdbx_description
1 polymer 'GLYCOSIDE HYDROLASE'
2 branched beta-D-glucopyranose-(1-3)-beta-D-glucopyranose
3 non-polymer beta-D-glucopyranose
4 water water
#
_entity_poly.entity_id   1
_entity_poly.type   'polypeptide(L)'
_entity_poly.pdbx_seq_one_letter_code
;MGSSHHHHHHSSGLVPAGSHMADYYTIAANPGSGKRGLAYNNINLLTAFEGGPFSWSYNWEPRPGGYTAGIEYVPMLWGP
RGYGSWNADAEAGIAAGSKNLLAFNEPDIASQANMSPEAAAAAYQKYMNPYAARARLGSPAVSNGAPPKGLGWMQGFLDV
CAGNCKIDFLAVHWHGPSGNVDDFKRYVSEAIALGQKYGIGTVWVTEFEGQGDEEAQVNFLKEVLPWLDSNAGVERYASF
FVDNLVKGGALTSVGKAYKTI
;
_entity_poly.pdbx_strand_id   A,B,C,D
#
# COMPACT_ATOMS: atom_id res chain seq x y z
N GLY A 32 -21.77 -11.33 -10.77
CA GLY A 32 -20.63 -12.28 -10.81
C GLY A 32 -19.29 -11.58 -10.58
N SER A 33 -18.26 -11.98 -11.34
CA SER A 33 -16.88 -11.40 -11.34
C SER A 33 -16.87 -9.93 -11.83
N GLY A 34 -17.78 -9.55 -12.73
CA GLY A 34 -17.66 -8.25 -13.37
C GLY A 34 -16.89 -8.35 -14.69
N LYS A 35 -16.44 -9.55 -15.07
CA LYS A 35 -15.59 -9.74 -16.27
C LYS A 35 -16.47 -9.96 -17.52
N ARG A 36 -17.71 -10.43 -17.41
CA ARG A 36 -18.45 -11.09 -18.51
C ARG A 36 -19.03 -10.03 -19.44
N GLY A 37 -18.79 -10.14 -20.76
CA GLY A 37 -19.29 -9.16 -21.75
C GLY A 37 -20.27 -9.73 -22.78
N LEU A 38 -20.96 -8.82 -23.43
CA LEU A 38 -21.96 -9.11 -24.47
C LEU A 38 -21.45 -8.58 -25.82
N ALA A 39 -20.96 -9.50 -26.66
CA ALA A 39 -20.47 -9.24 -28.04
C ALA A 39 -21.63 -9.48 -28.99
N TYR A 40 -22.11 -8.43 -29.66
CA TYR A 40 -23.39 -8.49 -30.42
C TYR A 40 -23.23 -7.98 -31.83
N ASN A 41 -24.17 -8.40 -32.66
CA ASN A 41 -24.50 -7.76 -33.96
C ASN A 41 -25.86 -7.07 -33.82
N ASN A 42 -26.93 -7.85 -33.60
CA ASN A 42 -28.28 -7.26 -33.47
C ASN A 42 -28.48 -6.73 -32.05
N ILE A 43 -28.49 -5.43 -31.88
CA ILE A 43 -28.59 -4.74 -30.57
C ILE A 43 -29.88 -5.19 -29.85
N ASN A 44 -30.93 -5.57 -30.59
CA ASN A 44 -32.27 -5.89 -30.05
C ASN A 44 -32.20 -7.21 -29.29
N LEU A 45 -31.10 -7.98 -29.37
CA LEU A 45 -30.99 -9.27 -28.66
C LEU A 45 -30.38 -9.11 -27.26
N LEU A 46 -29.75 -7.97 -26.95
CA LEU A 46 -29.15 -7.71 -25.63
C LEU A 46 -30.21 -7.82 -24.52
N THR A 47 -31.45 -7.42 -24.76
CA THR A 47 -32.58 -7.51 -23.81
C THR A 47 -32.68 -8.91 -23.21
N ALA A 48 -32.36 -9.96 -23.96
CA ALA A 48 -32.49 -11.35 -23.45
C ALA A 48 -31.56 -11.54 -22.26
N PHE A 49 -30.54 -10.70 -22.12
CA PHE A 49 -29.45 -10.88 -21.13
C PHE A 49 -29.65 -9.90 -19.97
N GLU A 50 -30.67 -9.05 -20.05
CA GLU A 50 -30.93 -7.99 -19.05
C GLU A 50 -30.95 -8.60 -17.64
N GLY A 51 -30.26 -7.99 -16.68
CA GLY A 51 -30.21 -8.47 -15.28
C GLY A 51 -29.08 -9.47 -15.02
N GLY A 52 -28.44 -10.02 -16.05
CA GLY A 52 -27.30 -10.94 -15.85
C GLY A 52 -26.03 -10.25 -15.37
N PRO A 53 -24.95 -11.03 -15.09
CA PRO A 53 -23.69 -10.52 -14.52
C PRO A 53 -22.79 -10.02 -15.65
N PHE A 54 -23.31 -9.06 -16.38
CA PHE A 54 -22.68 -8.49 -17.59
C PHE A 54 -22.38 -7.03 -17.38
N SER A 55 -21.13 -6.63 -17.58
CA SER A 55 -20.65 -5.26 -17.31
C SER A 55 -20.52 -4.45 -18.60
N TRP A 56 -20.36 -5.15 -19.72
CA TRP A 56 -19.80 -4.46 -20.91
C TRP A 56 -20.27 -5.17 -22.18
N SER A 57 -20.22 -4.44 -23.28
CA SER A 57 -20.59 -4.96 -24.59
C SER A 57 -19.65 -4.42 -25.67
N TYR A 58 -19.61 -5.07 -26.80
CA TYR A 58 -18.98 -4.47 -28.02
C TYR A 58 -19.66 -5.10 -29.24
N ASN A 59 -19.48 -4.53 -30.42
CA ASN A 59 -20.22 -5.03 -31.59
C ASN A 59 -19.33 -5.06 -32.85
N TRP A 60 -18.00 -5.10 -32.69
CA TRP A 60 -17.02 -5.09 -33.81
C TRP A 60 -17.13 -3.82 -34.64
N GLU A 61 -17.78 -2.80 -34.11
CA GLU A 61 -18.00 -1.52 -34.83
C GLU A 61 -17.55 -0.39 -33.94
N PRO A 62 -17.37 0.83 -34.50
CA PRO A 62 -17.02 1.97 -33.67
C PRO A 62 -18.20 2.64 -32.94
N ARG A 63 -19.42 2.33 -33.35
CA ARG A 63 -20.66 2.94 -32.81
C ARG A 63 -21.61 1.83 -32.43
N PRO A 64 -22.38 2.02 -31.34
CA PRO A 64 -23.20 0.92 -30.82
C PRO A 64 -24.46 0.52 -31.61
N GLY A 65 -24.93 1.39 -32.51
CA GLY A 65 -26.13 1.06 -33.31
C GLY A 65 -27.41 1.30 -32.53
N GLY A 66 -27.31 2.11 -31.48
CA GLY A 66 -28.38 2.49 -30.57
C GLY A 66 -27.85 2.72 -29.17
N TYR A 67 -28.69 2.49 -28.16
CA TYR A 67 -28.38 2.68 -26.76
C TYR A 67 -28.90 1.49 -25.97
N THR A 68 -28.08 0.98 -25.07
CA THR A 68 -28.47 -0.06 -24.10
C THR A 68 -28.15 0.43 -22.69
N ALA A 69 -29.16 0.62 -21.84
CA ALA A 69 -28.93 1.08 -20.45
C ALA A 69 -28.18 0.02 -19.64
N GLY A 70 -27.27 0.48 -18.79
CA GLY A 70 -26.71 -0.27 -17.66
C GLY A 70 -25.46 -1.08 -18.00
N ILE A 71 -24.93 -0.91 -19.20
CA ILE A 71 -23.83 -1.71 -19.77
C ILE A 71 -22.82 -0.74 -20.37
N GLU A 72 -21.54 -0.91 -20.13
CA GLU A 72 -20.48 -0.07 -20.77
C GLU A 72 -20.27 -0.56 -22.20
N TYR A 73 -20.63 0.24 -23.22
CA TYR A 73 -20.29 -0.12 -24.62
C TYR A 73 -18.81 0.23 -24.88
N VAL A 74 -18.06 -0.64 -25.53
CA VAL A 74 -16.61 -0.46 -25.86
C VAL A 74 -16.53 -0.32 -27.38
N PRO A 75 -16.26 0.88 -27.90
CA PRO A 75 -15.99 1.08 -29.33
C PRO A 75 -14.76 0.33 -29.82
N MET A 76 -14.81 -0.10 -31.08
CA MET A 76 -13.73 -0.82 -31.74
C MET A 76 -13.34 -0.07 -33.00
N LEU A 77 -12.04 0.12 -33.18
CA LEU A 77 -11.41 0.54 -34.45
C LEU A 77 -11.07 -0.77 -35.16
N TRP A 78 -11.97 -1.22 -36.06
CA TRP A 78 -11.93 -2.62 -36.57
C TRP A 78 -10.74 -2.80 -37.50
N GLY A 79 -10.44 -1.79 -38.30
CA GLY A 79 -9.39 -1.89 -39.34
C GLY A 79 -9.29 -0.58 -40.09
N PRO A 80 -8.47 -0.55 -41.15
CA PRO A 80 -8.23 0.71 -41.86
C PRO A 80 -9.47 1.40 -42.43
N ARG A 81 -10.56 0.70 -42.74
CA ARG A 81 -11.81 1.34 -43.25
C ARG A 81 -12.30 2.30 -42.15
N GLY A 82 -11.93 2.12 -40.89
CA GLY A 82 -12.48 2.92 -39.78
C GLY A 82 -11.71 4.21 -39.55
N TYR A 83 -10.56 4.41 -40.20
CA TYR A 83 -9.65 5.54 -39.85
C TYR A 83 -10.34 6.89 -40.07
N GLY A 84 -11.13 7.00 -41.15
CA GLY A 84 -11.76 8.28 -41.51
C GLY A 84 -12.68 8.82 -40.43
N SER A 85 -13.45 7.96 -39.78
CA SER A 85 -14.43 8.38 -38.73
C SER A 85 -13.90 8.19 -37.31
N TRP A 86 -12.73 7.57 -37.14
CA TRP A 86 -12.39 7.05 -35.80
C TRP A 86 -12.29 8.17 -34.76
N ASN A 87 -11.62 9.28 -35.03
CA ASN A 87 -11.42 10.31 -34.00
C ASN A 87 -12.80 10.78 -33.48
N ALA A 88 -13.76 11.05 -34.35
CA ALA A 88 -15.15 11.41 -33.98
C ALA A 88 -15.82 10.29 -33.19
N ASP A 89 -15.63 9.04 -33.64
CA ASP A 89 -16.27 7.86 -33.04
C ASP A 89 -15.72 7.68 -31.61
N ALA A 90 -14.41 7.83 -31.43
CA ALA A 90 -13.75 7.68 -30.09
C ALA A 90 -14.22 8.80 -29.16
N GLU A 91 -14.32 10.01 -29.66
CA GLU A 91 -14.74 11.14 -28.79
C GLU A 91 -16.18 10.89 -28.39
N ALA A 92 -17.01 10.43 -29.35
CA ALA A 92 -18.44 10.19 -29.06
C ALA A 92 -18.56 9.10 -27.98
N GLY A 93 -17.80 8.02 -28.08
CA GLY A 93 -17.80 6.92 -27.12
C GLY A 93 -17.37 7.41 -25.73
N ILE A 94 -16.30 8.19 -25.67
CA ILE A 94 -15.79 8.75 -24.39
C ILE A 94 -16.86 9.65 -23.76
N ALA A 95 -17.49 10.52 -24.54
CA ALA A 95 -18.54 11.42 -24.04
C ALA A 95 -19.77 10.60 -23.60
N ALA A 96 -20.06 9.44 -24.15
CA ALA A 96 -21.25 8.66 -23.77
C ALA A 96 -20.87 7.68 -22.65
N GLY A 97 -19.64 7.75 -22.11
CA GLY A 97 -19.30 6.99 -20.87
C GLY A 97 -18.37 5.83 -21.11
N SER A 98 -17.98 5.54 -22.37
CA SER A 98 -16.99 4.46 -22.65
C SER A 98 -15.66 4.83 -21.96
N LYS A 99 -15.03 3.85 -21.30
CA LYS A 99 -13.73 4.04 -20.59
C LYS A 99 -12.64 3.14 -21.16
N ASN A 100 -12.97 2.42 -22.24
CA ASN A 100 -12.06 1.52 -22.95
C ASN A 100 -12.33 1.65 -24.45
N LEU A 101 -11.28 1.41 -25.23
CA LEU A 101 -11.32 1.39 -26.70
C LEU A 101 -10.56 0.14 -27.12
N LEU A 102 -11.07 -0.53 -28.14
CA LEU A 102 -10.40 -1.70 -28.73
C LEU A 102 -9.81 -1.38 -30.11
N ALA A 103 -8.63 -1.90 -30.43
CA ALA A 103 -8.04 -1.78 -31.77
C ALA A 103 -8.45 -2.96 -32.68
N PHE A 104 -7.66 -3.24 -33.73
CA PHE A 104 -8.08 -3.87 -34.97
C PHE A 104 -8.49 -5.31 -34.69
N ASN A 105 -9.44 -5.79 -35.47
CA ASN A 105 -10.02 -7.15 -35.33
C ASN A 105 -9.30 -8.10 -36.25
N GLU A 106 -8.52 -8.97 -35.70
CA GLU A 106 -7.80 -10.06 -36.40
C GLU A 106 -7.03 -9.52 -37.59
N PRO A 107 -6.08 -8.58 -37.33
CA PRO A 107 -5.20 -8.10 -38.42
C PRO A 107 -4.38 -9.24 -39.02
N ASP A 108 -4.24 -10.34 -38.24
CA ASP A 108 -3.49 -11.54 -38.64
C ASP A 108 -4.25 -12.36 -39.69
N ILE A 109 -5.53 -12.09 -39.92
CA ILE A 109 -6.43 -12.89 -40.79
C ILE A 109 -6.76 -12.03 -42.00
N ALA A 110 -6.50 -12.52 -43.19
CA ALA A 110 -6.64 -11.71 -44.41
C ALA A 110 -8.11 -11.38 -44.72
N SER A 111 -9.05 -12.17 -44.23
CA SER A 111 -10.50 -11.90 -44.41
C SER A 111 -11.04 -10.97 -43.31
N GLN A 112 -10.18 -10.63 -42.35
CA GLN A 112 -10.55 -9.66 -41.27
C GLN A 112 -9.71 -8.40 -41.47
N ALA A 113 -9.11 -7.82 -40.43
CA ALA A 113 -8.55 -6.47 -40.60
C ALA A 113 -7.35 -6.52 -41.56
N ASN A 114 -6.64 -7.65 -41.68
CA ASN A 114 -5.60 -7.86 -42.72
C ASN A 114 -4.53 -6.76 -42.73
N MET A 115 -3.76 -6.68 -41.66
CA MET A 115 -2.72 -5.63 -41.52
C MET A 115 -1.42 -6.27 -41.06
N SER A 116 -0.31 -5.86 -41.66
CA SER A 116 1.02 -6.26 -41.17
C SER A 116 1.23 -5.80 -39.73
N PRO A 117 2.05 -6.52 -38.95
CA PRO A 117 2.47 -5.96 -37.66
C PRO A 117 3.01 -4.52 -37.72
N GLU A 118 3.82 -4.21 -38.72
CA GLU A 118 4.45 -2.86 -38.87
C GLU A 118 3.35 -1.84 -39.10
N ALA A 119 2.39 -2.14 -39.98
CA ALA A 119 1.29 -1.21 -40.29
C ALA A 119 0.46 -1.01 -39.03
N ALA A 120 0.14 -2.08 -38.31
CA ALA A 120 -0.73 -1.96 -37.13
C ALA A 120 0.00 -1.13 -36.06
N ALA A 121 1.30 -1.32 -35.87
CA ALA A 121 2.05 -0.54 -34.84
C ALA A 121 1.98 0.97 -35.16
N ALA A 122 2.18 1.35 -36.41
CA ALA A 122 2.13 2.77 -36.79
C ALA A 122 0.70 3.25 -36.58
N ALA A 123 -0.28 2.51 -37.06
CA ALA A 123 -1.69 2.97 -36.97
C ALA A 123 -2.19 3.06 -35.52
N TYR A 124 -1.71 2.15 -34.67
CA TYR A 124 -2.07 2.15 -33.24
C TYR A 124 -1.55 3.43 -32.62
N GLN A 125 -0.31 3.83 -32.94
CA GLN A 125 0.31 5.05 -32.34
C GLN A 125 -0.48 6.24 -32.83
N LYS A 126 -0.93 6.26 -34.10
CA LYS A 126 -1.68 7.42 -34.65
C LYS A 126 -3.09 7.50 -34.04
N TYR A 127 -3.81 6.39 -34.00
CA TYR A 127 -5.27 6.41 -33.80
C TYR A 127 -5.68 6.01 -32.39
N MET A 128 -4.86 5.24 -31.65
CA MET A 128 -5.24 4.75 -30.31
C MET A 128 -4.51 5.59 -29.24
N ASN A 129 -3.19 5.76 -29.37
CA ASN A 129 -2.39 6.47 -28.31
C ASN A 129 -3.01 7.79 -27.90
N PRO A 130 -3.58 8.64 -28.79
CA PRO A 130 -4.04 9.94 -28.32
C PRO A 130 -5.14 9.88 -27.23
N TYR A 131 -5.79 8.75 -27.04
CA TYR A 131 -6.93 8.56 -26.12
C TYR A 131 -6.48 8.01 -24.77
N ALA A 132 -5.19 7.74 -24.60
CA ALA A 132 -4.74 6.93 -23.44
C ALA A 132 -5.02 7.65 -22.11
N ALA A 133 -5.00 8.98 -22.08
CA ALA A 133 -5.23 9.72 -20.82
C ALA A 133 -6.69 9.50 -20.36
N ARG A 134 -7.62 9.20 -21.28
CA ARG A 134 -9.08 9.24 -21.00
C ARG A 134 -9.76 7.88 -21.22
N ALA A 135 -9.01 6.86 -21.61
CA ALA A 135 -9.55 5.52 -21.91
C ALA A 135 -8.42 4.51 -21.84
N ARG A 136 -8.74 3.36 -21.33
CA ARG A 136 -7.83 2.21 -21.34
C ARG A 136 -7.91 1.61 -22.75
N LEU A 137 -6.76 1.25 -23.30
CA LEU A 137 -6.58 0.88 -24.70
C LEU A 137 -6.22 -0.56 -24.85
N GLY A 138 -7.01 -1.26 -25.65
CA GLY A 138 -6.74 -2.67 -25.97
C GLY A 138 -6.01 -2.89 -27.28
N SER A 139 -5.07 -3.78 -27.24
CA SER A 139 -4.31 -4.19 -28.44
C SER A 139 -5.26 -4.63 -29.56
N PRO A 140 -4.75 -4.72 -30.80
CA PRO A 140 -5.46 -5.47 -31.83
C PRO A 140 -5.68 -6.88 -31.32
N ALA A 141 -6.81 -7.47 -31.71
CA ALA A 141 -7.21 -8.82 -31.26
C ALA A 141 -6.74 -9.82 -32.27
N VAL A 142 -5.90 -10.77 -31.84
CA VAL A 142 -5.42 -11.84 -32.77
C VAL A 142 -6.26 -13.10 -32.62
N SER A 143 -6.30 -13.88 -33.70
CA SER A 143 -6.85 -15.27 -33.69
C SER A 143 -6.00 -16.20 -32.84
N ASN A 144 -6.41 -17.47 -32.81
CA ASN A 144 -5.57 -18.53 -32.17
C ASN A 144 -4.79 -19.30 -33.23
N GLY A 145 -4.59 -18.73 -34.43
CA GLY A 145 -3.78 -19.36 -35.48
C GLY A 145 -2.34 -19.58 -35.06
N ALA A 146 -1.65 -20.54 -35.67
CA ALA A 146 -0.22 -20.75 -35.41
C ALA A 146 0.60 -19.60 -35.97
N PRO A 147 1.78 -19.31 -35.38
CA PRO A 147 2.68 -18.32 -35.96
C PRO A 147 2.91 -18.61 -37.43
N PRO A 148 3.05 -17.58 -38.31
CA PRO A 148 3.14 -16.18 -37.92
C PRO A 148 1.82 -15.43 -37.69
N LYS A 149 0.70 -16.12 -37.64
CA LYS A 149 -0.59 -15.53 -37.23
C LYS A 149 -0.70 -15.61 -35.71
N GLY A 150 -1.87 -15.26 -35.15
CA GLY A 150 -2.13 -15.42 -33.73
C GLY A 150 -1.16 -14.69 -32.83
N LEU A 151 -0.67 -15.35 -31.77
CA LEU A 151 0.32 -14.73 -30.85
C LEU A 151 1.67 -14.50 -31.53
N GLY A 152 1.96 -15.17 -32.61
CA GLY A 152 3.12 -14.81 -33.44
C GLY A 152 2.99 -13.42 -33.98
N TRP A 153 1.85 -13.16 -34.58
CA TRP A 153 1.52 -11.79 -35.06
C TRP A 153 1.61 -10.81 -33.91
N MET A 154 1.03 -11.15 -32.78
CA MET A 154 1.01 -10.24 -31.64
C MET A 154 2.45 -9.91 -31.23
N GLN A 155 3.33 -10.92 -31.13
CA GLN A 155 4.73 -10.64 -30.74
C GLN A 155 5.34 -9.71 -31.79
N GLY A 156 5.09 -9.93 -33.09
CA GLY A 156 5.68 -9.06 -34.12
C GLY A 156 5.23 -7.62 -33.94
N PHE A 157 3.93 -7.47 -33.64
CA PHE A 157 3.30 -6.17 -33.39
C PHE A 157 3.95 -5.51 -32.17
N LEU A 158 4.16 -6.24 -31.06
CA LEU A 158 4.77 -5.65 -29.85
C LEU A 158 6.24 -5.31 -30.07
N ASP A 159 6.92 -6.06 -30.93
CA ASP A 159 8.28 -5.72 -31.39
C ASP A 159 8.28 -4.42 -32.21
N VAL A 160 7.40 -4.27 -33.21
CA VAL A 160 7.47 -3.01 -34.00
C VAL A 160 7.06 -1.79 -33.15
N CYS A 161 6.10 -2.00 -32.23
CA CYS A 161 5.69 -0.93 -31.30
C CYS A 161 6.94 -0.37 -30.61
N ALA A 162 7.84 -1.22 -30.19
CA ALA A 162 9.13 -0.79 -29.58
C ALA A 162 8.91 0.14 -28.38
N GLY A 163 7.89 -0.15 -27.57
CA GLY A 163 7.58 0.59 -26.34
C GLY A 163 6.77 1.83 -26.58
N ASN A 164 6.41 2.14 -27.83
CA ASN A 164 5.73 3.40 -28.20
C ASN A 164 4.20 3.25 -28.27
N CYS A 165 3.66 2.04 -28.25
CA CYS A 165 2.21 1.82 -28.25
C CYS A 165 1.72 1.85 -26.79
N LYS A 166 0.72 2.66 -26.50
CA LYS A 166 0.12 2.72 -25.15
C LYS A 166 -0.97 1.67 -25.10
N ILE A 167 -0.66 0.52 -24.52
CA ILE A 167 -1.49 -0.70 -24.47
C ILE A 167 -1.75 -1.05 -23.02
N ASP A 168 -3.02 -0.99 -22.63
CA ASP A 168 -3.44 -1.35 -21.24
C ASP A 168 -3.68 -2.85 -21.16
N PHE A 169 -4.10 -3.50 -22.23
CA PHE A 169 -4.39 -4.95 -22.18
C PHE A 169 -4.29 -5.53 -23.58
N LEU A 170 -3.93 -6.81 -23.65
CA LEU A 170 -3.95 -7.55 -24.95
C LEU A 170 -5.37 -8.02 -25.16
N ALA A 171 -5.81 -8.04 -26.42
CA ALA A 171 -7.09 -8.66 -26.79
C ALA A 171 -6.81 -9.90 -27.59
N VAL A 172 -7.45 -11.03 -27.26
CA VAL A 172 -7.19 -12.30 -27.95
C VAL A 172 -8.48 -13.07 -28.19
N HIS A 173 -8.47 -14.01 -29.14
CA HIS A 173 -9.62 -14.83 -29.59
C HIS A 173 -9.24 -16.31 -29.54
N TRP A 174 -10.15 -17.17 -29.18
CA TRP A 174 -9.94 -18.64 -29.28
C TRP A 174 -11.24 -19.25 -29.73
N HIS A 175 -11.21 -20.02 -30.82
CA HIS A 175 -12.32 -20.83 -31.29
C HIS A 175 -11.85 -22.26 -31.48
N GLY A 176 -12.61 -23.22 -30.98
CA GLY A 176 -12.27 -24.63 -31.28
C GLY A 176 -13.20 -25.55 -30.54
N PRO A 177 -13.05 -26.86 -30.77
CA PRO A 177 -13.95 -27.82 -30.16
C PRO A 177 -13.96 -27.76 -28.62
N SER A 178 -15.12 -28.04 -28.09
CA SER A 178 -15.48 -28.01 -26.65
C SER A 178 -14.63 -28.96 -25.81
N GLY A 179 -14.17 -30.04 -26.45
CA GLY A 179 -13.20 -30.98 -25.87
C GLY A 179 -11.80 -30.41 -25.70
N ASN A 180 -11.47 -29.25 -26.29
CA ASN A 180 -10.09 -28.69 -26.31
C ASN A 180 -9.93 -27.60 -25.21
N VAL A 181 -10.58 -27.73 -24.05
CA VAL A 181 -10.34 -26.86 -22.87
C VAL A 181 -8.84 -26.69 -22.60
N ASP A 182 -8.08 -27.79 -22.68
CA ASP A 182 -6.63 -27.76 -22.39
C ASP A 182 -5.98 -26.71 -23.29
N ASP A 183 -6.39 -26.73 -24.54
CA ASP A 183 -5.74 -25.87 -25.58
C ASP A 183 -6.19 -24.43 -25.36
N PHE A 184 -7.43 -24.25 -24.91
CA PHE A 184 -7.95 -22.89 -24.61
C PHE A 184 -7.11 -22.29 -23.49
N LYS A 185 -6.91 -23.07 -22.41
CA LYS A 185 -6.20 -22.55 -21.21
C LYS A 185 -4.75 -22.24 -21.60
N ARG A 186 -4.15 -23.14 -22.38
CA ARG A 186 -2.77 -23.04 -22.93
C ARG A 186 -2.64 -21.69 -23.68
N TYR A 187 -3.61 -21.44 -24.54
CA TYR A 187 -3.62 -20.22 -25.38
C TYR A 187 -3.76 -18.97 -24.53
N VAL A 188 -4.73 -18.94 -23.61
CA VAL A 188 -4.90 -17.77 -22.72
C VAL A 188 -3.65 -17.58 -21.84
N SER A 189 -3.11 -18.64 -21.25
CA SER A 189 -1.87 -18.50 -20.43
C SER A 189 -0.72 -17.93 -21.27
N GLU A 190 -0.64 -18.35 -22.54
CA GLU A 190 0.48 -17.97 -23.47
C GLU A 190 0.31 -16.47 -23.73
N ALA A 191 -0.92 -16.02 -23.89
CA ALA A 191 -1.23 -14.60 -24.16
C ALA A 191 -0.88 -13.71 -22.99
N ILE A 192 -1.23 -14.17 -21.80
CA ILE A 192 -0.87 -13.48 -20.55
C ILE A 192 0.66 -13.38 -20.47
N ALA A 193 1.37 -14.49 -20.68
CA ALA A 193 2.85 -14.49 -20.59
C ALA A 193 3.45 -13.52 -21.61
N LEU A 194 2.85 -13.40 -22.79
CA LEU A 194 3.42 -12.57 -23.87
C LEU A 194 3.26 -11.09 -23.47
N GLY A 195 2.07 -10.71 -23.04
CA GLY A 195 1.78 -9.37 -22.51
C GLY A 195 2.82 -9.01 -21.46
N GLN A 196 3.05 -9.94 -20.51
CA GLN A 196 3.97 -9.68 -19.37
C GLN A 196 5.39 -9.39 -19.89
N LYS A 197 5.84 -10.01 -20.97
CA LYS A 197 7.22 -9.81 -21.53
C LYS A 197 7.35 -8.37 -22.06
N TYR A 198 6.23 -7.73 -22.40
CA TYR A 198 6.19 -6.37 -22.98
C TYR A 198 5.53 -5.38 -21.99
N GLY A 199 5.47 -5.71 -20.70
CA GLY A 199 4.94 -4.82 -19.66
C GLY A 199 3.45 -4.58 -19.65
N ILE A 200 2.67 -5.48 -20.25
CA ILE A 200 1.18 -5.40 -20.37
C ILE A 200 0.66 -6.54 -19.47
N GLY A 201 0.07 -6.17 -18.35
CA GLY A 201 -0.24 -7.09 -17.24
C GLY A 201 -1.30 -8.12 -17.58
N THR A 202 -2.31 -7.74 -18.40
CA THR A 202 -3.61 -8.46 -18.48
C THR A 202 -4.14 -8.51 -19.92
N VAL A 203 -5.10 -9.40 -20.13
CA VAL A 203 -5.76 -9.68 -21.41
C VAL A 203 -7.27 -9.55 -21.20
N TRP A 204 -7.94 -9.23 -22.31
CA TRP A 204 -9.36 -9.53 -22.51
C TRP A 204 -9.44 -10.63 -23.55
N VAL A 205 -10.22 -11.62 -23.25
CA VAL A 205 -10.54 -12.68 -24.23
C VAL A 205 -11.81 -12.25 -24.93
N THR A 206 -11.68 -11.42 -25.97
CA THR A 206 -12.85 -10.74 -26.54
C THR A 206 -13.69 -11.65 -27.44
N GLU A 207 -13.21 -12.81 -27.84
CA GLU A 207 -14.01 -13.89 -28.45
C GLU A 207 -13.49 -15.20 -27.90
N PHE A 208 -14.36 -16.04 -27.36
CA PHE A 208 -13.98 -17.46 -27.20
C PHE A 208 -15.22 -18.27 -27.50
N GLU A 209 -14.99 -19.44 -28.05
CA GLU A 209 -16.06 -20.33 -28.50
C GLU A 209 -15.64 -21.80 -28.39
N GLY A 210 -16.14 -22.50 -27.36
CA GLY A 210 -16.00 -23.95 -27.19
C GLY A 210 -17.12 -24.61 -27.96
N GLN A 211 -16.84 -25.13 -29.15
CA GLN A 211 -17.83 -25.53 -30.16
C GLN A 211 -18.31 -26.99 -29.98
N GLY A 212 -19.56 -27.24 -30.35
CA GLY A 212 -20.19 -28.58 -30.33
C GLY A 212 -21.69 -28.46 -30.25
N ASP A 213 -22.41 -29.51 -29.84
CA ASP A 213 -23.87 -29.41 -29.50
C ASP A 213 -24.09 -28.56 -28.25
N GLU A 214 -25.35 -28.25 -27.91
CA GLU A 214 -25.62 -27.26 -26.83
C GLU A 214 -25.05 -27.81 -25.54
N GLU A 215 -25.19 -29.13 -25.33
CA GLU A 215 -24.71 -29.83 -24.11
C GLU A 215 -23.19 -29.66 -23.96
N ALA A 216 -22.44 -29.89 -25.04
CA ALA A 216 -20.97 -29.77 -25.11
C ALA A 216 -20.62 -28.30 -24.89
N GLN A 217 -21.40 -27.38 -25.48
CA GLN A 217 -21.14 -25.92 -25.29
C GLN A 217 -21.30 -25.50 -23.82
N VAL A 218 -22.32 -26.00 -23.14
CA VAL A 218 -22.58 -25.74 -21.69
C VAL A 218 -21.45 -26.35 -20.84
N ASN A 219 -21.08 -27.60 -21.07
CA ASN A 219 -19.94 -28.21 -20.36
C ASN A 219 -18.70 -27.37 -20.50
N PHE A 220 -18.48 -26.80 -21.69
CA PHE A 220 -17.27 -25.97 -21.92
C PHE A 220 -17.36 -24.76 -20.98
N LEU A 221 -18.51 -24.09 -21.00
CA LEU A 221 -18.71 -22.88 -20.14
C LEU A 221 -18.58 -23.22 -18.65
N LYS A 222 -19.07 -24.37 -18.21
CA LYS A 222 -18.96 -24.81 -16.80
C LYS A 222 -17.48 -24.98 -16.44
N GLU A 223 -16.64 -25.37 -17.39
CA GLU A 223 -15.17 -25.55 -17.18
C GLU A 223 -14.49 -24.20 -17.21
N VAL A 224 -14.72 -23.34 -18.23
CA VAL A 224 -13.82 -22.17 -18.43
C VAL A 224 -14.31 -20.92 -17.70
N LEU A 225 -15.61 -20.78 -17.42
CA LEU A 225 -16.09 -19.53 -16.82
C LEU A 225 -15.49 -19.36 -15.43
N PRO A 226 -15.51 -20.35 -14.53
CA PRO A 226 -14.83 -20.17 -13.25
C PRO A 226 -13.32 -19.96 -13.37
N TRP A 227 -12.71 -20.65 -14.33
CA TRP A 227 -11.25 -20.57 -14.55
C TRP A 227 -10.92 -19.14 -14.94
N LEU A 228 -11.74 -18.53 -15.80
CA LEU A 228 -11.46 -17.13 -16.25
C LEU A 228 -11.73 -16.15 -15.12
N ASP A 229 -12.83 -16.36 -14.40
CA ASP A 229 -13.26 -15.50 -13.28
C ASP A 229 -12.19 -15.45 -12.20
N SER A 230 -11.43 -16.52 -11.94
CA SER A 230 -10.39 -16.46 -10.88
C SER A 230 -9.01 -16.19 -11.48
N ASN A 231 -8.90 -15.94 -12.78
CA ASN A 231 -7.56 -15.78 -13.44
C ASN A 231 -7.19 -14.31 -13.35
N ALA A 232 -6.16 -13.98 -12.54
CA ALA A 232 -5.74 -12.59 -12.30
C ALA A 232 -5.35 -11.95 -13.67
N GLY A 233 -4.93 -12.79 -14.63
CA GLY A 233 -4.42 -12.36 -15.95
C GLY A 233 -5.53 -11.91 -16.86
N VAL A 234 -6.75 -12.26 -16.56
CA VAL A 234 -7.89 -11.93 -17.47
C VAL A 234 -8.79 -10.90 -16.81
N GLU A 235 -8.85 -9.73 -17.41
CA GLU A 235 -9.72 -8.66 -16.87
C GLU A 235 -11.17 -8.87 -17.30
N ARG A 236 -11.38 -9.17 -18.58
CA ARG A 236 -12.76 -9.24 -19.15
C ARG A 236 -12.77 -10.31 -20.22
N TYR A 237 -13.93 -10.79 -20.58
CA TYR A 237 -14.06 -11.80 -21.64
C TYR A 237 -15.48 -11.76 -22.20
N ALA A 238 -15.68 -12.32 -23.39
CA ALA A 238 -16.99 -12.43 -24.03
C ALA A 238 -17.07 -13.71 -24.83
N SER A 239 -17.93 -14.60 -24.37
CA SER A 239 -18.25 -15.81 -25.15
C SER A 239 -18.81 -15.38 -26.51
N PHE A 240 -18.50 -16.10 -27.54
CA PHE A 240 -18.81 -15.75 -28.94
C PHE A 240 -20.10 -16.48 -29.30
N PHE A 241 -21.22 -15.79 -29.49
CA PHE A 241 -21.48 -14.38 -29.26
C PHE A 241 -22.99 -14.25 -29.06
N VAL A 242 -23.46 -13.09 -28.62
CA VAL A 242 -24.89 -12.84 -28.25
C VAL A 242 -25.86 -13.43 -29.30
N ASP A 243 -25.65 -13.19 -30.59
CA ASP A 243 -26.66 -13.53 -31.62
C ASP A 243 -26.76 -15.03 -31.85
N ASN A 244 -25.74 -15.82 -31.50
CA ASN A 244 -25.92 -17.29 -31.52
C ASN A 244 -26.56 -17.78 -30.21
N LEU A 245 -26.60 -16.96 -29.14
CA LEU A 245 -26.98 -17.42 -27.78
C LEU A 245 -28.46 -17.15 -27.50
N VAL A 246 -29.13 -16.55 -28.49
CA VAL A 246 -30.52 -16.03 -28.46
C VAL A 246 -31.22 -16.60 -29.69
N LYS A 247 -32.31 -17.36 -29.51
CA LYS A 247 -33.17 -17.90 -30.60
C LYS A 247 -34.65 -17.55 -30.31
N GLY A 248 -35.34 -16.89 -31.25
CA GLY A 248 -36.76 -16.48 -31.10
C GLY A 248 -37.00 -15.60 -29.88
N GLY A 249 -36.07 -14.71 -29.56
CA GLY A 249 -36.14 -13.81 -28.40
C GLY A 249 -35.67 -14.43 -27.11
N ALA A 250 -35.40 -15.75 -27.07
CA ALA A 250 -35.16 -16.51 -25.81
C ALA A 250 -33.70 -16.94 -25.69
N LEU A 251 -33.14 -16.90 -24.50
CA LEU A 251 -31.80 -17.48 -24.32
C LEU A 251 -31.92 -18.96 -24.74
N THR A 252 -30.96 -19.47 -25.48
CA THR A 252 -30.78 -20.93 -25.64
C THR A 252 -30.24 -21.50 -24.33
N SER A 253 -30.09 -22.83 -24.23
CA SER A 253 -29.53 -23.40 -22.99
C SER A 253 -28.10 -22.89 -22.76
N VAL A 254 -27.42 -22.53 -23.86
CA VAL A 254 -26.03 -22.03 -23.86
C VAL A 254 -26.05 -20.58 -23.36
N GLY A 255 -26.96 -19.76 -23.90
CA GLY A 255 -27.15 -18.38 -23.37
C GLY A 255 -27.52 -18.38 -21.91
N LYS A 256 -28.35 -19.33 -21.47
CA LYS A 256 -28.78 -19.36 -20.06
C LYS A 256 -27.57 -19.72 -19.21
N ALA A 257 -26.72 -20.66 -19.66
CA ALA A 257 -25.52 -21.04 -18.88
C ALA A 257 -24.57 -19.85 -18.79
N TYR A 258 -24.43 -19.09 -19.88
CA TYR A 258 -23.58 -17.88 -19.88
C TYR A 258 -24.09 -16.87 -18.83
N LYS A 259 -25.40 -16.74 -18.67
CA LYS A 259 -26.05 -15.82 -17.71
C LYS A 259 -25.87 -16.37 -16.29
N THR A 260 -25.88 -17.68 -16.06
CA THR A 260 -26.11 -18.24 -14.69
C THR A 260 -24.85 -18.83 -14.03
N ILE A 261 -23.85 -19.25 -14.79
CA ILE A 261 -22.66 -19.92 -14.18
C ILE A 261 -21.91 -18.92 -13.29
N GLY B 32 5.76 14.07 -6.47
CA GLY B 32 6.19 14.94 -5.31
C GLY B 32 6.18 14.18 -3.99
N SER B 33 5.72 14.77 -2.88
CA SER B 33 5.46 14.07 -1.57
C SER B 33 4.59 12.83 -1.82
N GLY B 34 3.75 12.92 -2.85
CA GLY B 34 2.70 11.96 -3.08
C GLY B 34 1.45 12.35 -2.33
N LYS B 35 1.40 13.52 -1.64
CA LYS B 35 0.23 13.83 -0.80
C LYS B 35 -0.84 14.60 -1.60
N ARG B 36 -0.48 15.27 -2.68
CA ARG B 36 -1.37 16.29 -3.27
C ARG B 36 -2.44 15.67 -4.15
N GLY B 37 -3.69 16.09 -3.96
CA GLY B 37 -4.83 15.52 -4.71
C GLY B 37 -5.51 16.55 -5.60
N LEU B 38 -6.32 16.03 -6.50
CA LEU B 38 -7.13 16.83 -7.43
C LEU B 38 -8.62 16.55 -7.16
N ALA B 39 -9.24 17.53 -6.51
CA ALA B 39 -10.68 17.54 -6.20
C ALA B 39 -11.39 18.26 -7.32
N TYR B 40 -12.24 17.54 -8.05
CA TYR B 40 -12.76 18.09 -9.34
C TYR B 40 -14.25 17.91 -9.46
N ASN B 41 -14.82 18.73 -10.37
CA ASN B 41 -16.18 18.51 -10.88
C ASN B 41 -16.09 18.14 -12.34
N ASN B 42 -15.58 19.05 -13.17
CA ASN B 42 -15.37 18.78 -14.60
C ASN B 42 -14.09 17.96 -14.82
N ILE B 43 -14.25 16.69 -15.11
CA ILE B 43 -13.14 15.75 -15.33
C ILE B 43 -12.20 16.24 -16.47
N ASN B 44 -12.73 17.03 -17.42
CA ASN B 44 -11.91 17.57 -18.53
C ASN B 44 -10.90 18.63 -18.06
N LEU B 45 -10.99 19.13 -16.84
CA LEU B 45 -10.04 20.13 -16.33
C LEU B 45 -8.81 19.47 -15.72
N LEU B 46 -8.86 18.19 -15.39
CA LEU B 46 -7.69 17.50 -14.79
C LEU B 46 -6.45 17.57 -15.71
N THR B 47 -6.65 17.56 -17.02
CA THR B 47 -5.55 17.66 -18.02
C THR B 47 -4.64 18.84 -17.76
N ALA B 48 -5.13 19.95 -17.20
CA ALA B 48 -4.31 21.15 -16.97
C ALA B 48 -3.24 20.81 -15.92
N PHE B 49 -3.49 19.80 -15.10
CA PHE B 49 -2.57 19.46 -13.99
C PHE B 49 -1.64 18.29 -14.36
N GLU B 50 -1.68 17.79 -15.59
CA GLU B 50 -0.77 16.71 -16.09
C GLU B 50 0.70 17.07 -15.88
N GLY B 51 1.48 16.13 -15.34
CA GLY B 51 2.91 16.34 -15.05
C GLY B 51 3.14 16.84 -13.65
N GLY B 52 2.10 17.22 -12.92
CA GLY B 52 2.23 17.71 -11.54
C GLY B 52 2.39 16.59 -10.52
N PRO B 53 2.66 16.93 -9.24
CA PRO B 53 2.94 15.94 -8.19
C PRO B 53 1.64 15.45 -7.55
N PHE B 54 0.78 14.90 -8.39
CA PHE B 54 -0.61 14.52 -8.03
C PHE B 54 -0.77 13.02 -8.09
N SER B 55 -1.21 12.41 -6.99
CA SER B 55 -1.31 10.91 -6.86
C SER B 55 -2.76 10.45 -6.87
N TRP B 56 -3.69 11.37 -6.62
CA TRP B 56 -5.09 10.97 -6.36
C TRP B 56 -6.06 12.08 -6.72
N SER B 57 -7.29 11.65 -6.91
CA SER B 57 -8.43 12.56 -7.19
C SER B 57 -9.67 12.13 -6.43
N TYR B 58 -10.63 13.03 -6.35
CA TYR B 58 -12.02 12.71 -5.96
C TYR B 58 -12.93 13.79 -6.50
N ASN B 59 -14.22 13.48 -6.53
CA ASN B 59 -15.15 14.43 -7.16
C ASN B 59 -16.44 14.54 -6.39
N TRP B 60 -16.43 14.24 -5.09
CA TRP B 60 -17.63 14.33 -4.21
C TRP B 60 -18.75 13.41 -4.69
N GLU B 61 -18.46 12.44 -5.54
CA GLU B 61 -19.42 11.49 -6.16
C GLU B 61 -18.83 10.10 -5.93
N PRO B 62 -19.66 9.06 -6.12
CA PRO B 62 -19.20 7.68 -6.04
C PRO B 62 -18.49 7.15 -7.27
N ARG B 63 -18.74 7.81 -8.38
CA ARG B 63 -18.20 7.41 -9.71
C ARG B 63 -17.44 8.57 -10.34
N PRO B 64 -16.34 8.27 -11.07
CA PRO B 64 -15.40 9.28 -11.56
C PRO B 64 -15.91 10.12 -12.74
N GLY B 65 -16.96 9.66 -13.41
CA GLY B 65 -17.52 10.38 -14.58
C GLY B 65 -16.61 10.34 -15.79
N GLY B 66 -15.80 9.28 -15.87
CA GLY B 66 -14.86 8.98 -16.95
C GLY B 66 -13.67 8.24 -16.42
N TYR B 67 -12.55 8.32 -17.11
CA TYR B 67 -11.29 7.66 -16.71
C TYR B 67 -10.17 8.67 -16.86
N THR B 68 -9.27 8.71 -15.88
CA THR B 68 -8.07 9.57 -15.86
C THR B 68 -6.85 8.68 -15.62
N ALA B 69 -5.99 8.54 -16.60
CA ALA B 69 -4.82 7.66 -16.48
C ALA B 69 -3.86 8.21 -15.42
N GLY B 70 -3.23 7.29 -14.67
CA GLY B 70 -2.05 7.63 -13.84
C GLY B 70 -2.37 8.30 -12.51
N ILE B 71 -3.62 8.26 -12.07
CA ILE B 71 -4.14 8.95 -10.85
C ILE B 71 -5.06 7.93 -10.18
N GLU B 72 -5.01 7.84 -8.87
CA GLU B 72 -5.93 7.01 -8.08
C GLU B 72 -7.18 7.83 -7.85
N TYR B 73 -8.30 7.37 -8.41
CA TYR B 73 -9.60 8.00 -8.08
C TYR B 73 -10.17 7.37 -6.80
N VAL B 74 -10.65 8.21 -5.90
CA VAL B 74 -11.21 7.78 -4.60
C VAL B 74 -12.71 8.06 -4.60
N PRO B 75 -13.52 7.01 -4.68
CA PRO B 75 -14.95 7.14 -4.57
C PRO B 75 -15.39 7.69 -3.22
N MET B 76 -16.44 8.49 -3.24
CA MET B 76 -17.09 9.03 -2.04
C MET B 76 -18.55 8.57 -1.93
N LEU B 77 -18.91 8.14 -0.73
CA LEU B 77 -20.29 7.93 -0.28
C LEU B 77 -20.70 9.28 0.33
N TRP B 78 -21.34 10.15 -0.48
CA TRP B 78 -21.51 11.57 -0.13
C TRP B 78 -22.46 11.70 1.04
N GLY B 79 -23.53 10.92 1.02
CA GLY B 79 -24.57 11.00 2.03
C GLY B 79 -25.69 10.02 1.72
N PRO B 80 -26.82 10.12 2.44
CA PRO B 80 -27.87 9.13 2.27
C PRO B 80 -28.41 8.89 0.85
N ARG B 81 -28.36 9.90 -0.01
CA ARG B 81 -28.79 9.82 -1.45
C ARG B 81 -27.98 8.69 -2.12
N GLY B 82 -26.79 8.37 -1.60
CA GLY B 82 -25.90 7.38 -2.24
C GLY B 82 -26.09 5.95 -1.79
N TYR B 83 -26.89 5.63 -0.77
CA TYR B 83 -26.93 4.29 -0.18
C TYR B 83 -27.40 3.27 -1.22
N GLY B 84 -28.32 3.65 -2.11
CA GLY B 84 -28.91 2.69 -3.09
C GLY B 84 -27.91 2.08 -4.05
N SER B 85 -26.94 2.86 -4.53
CA SER B 85 -25.93 2.42 -5.53
C SER B 85 -24.56 2.09 -4.88
N TRP B 86 -24.33 2.42 -3.60
CA TRP B 86 -22.96 2.45 -3.00
C TRP B 86 -22.24 1.08 -3.18
N ASN B 87 -22.90 -0.04 -2.91
CA ASN B 87 -22.15 -1.30 -2.98
C ASN B 87 -21.59 -1.53 -4.39
N ALA B 88 -22.41 -1.28 -5.43
CA ALA B 88 -21.93 -1.34 -6.82
C ALA B 88 -20.84 -0.32 -7.12
N ASP B 89 -20.98 0.89 -6.60
CA ASP B 89 -20.04 1.97 -6.84
C ASP B 89 -18.69 1.61 -6.21
N ALA B 90 -18.70 1.15 -4.98
CA ALA B 90 -17.49 0.78 -4.21
C ALA B 90 -16.80 -0.39 -4.93
N GLU B 91 -17.54 -1.40 -5.31
CA GLU B 91 -16.94 -2.51 -6.10
C GLU B 91 -16.32 -2.00 -7.40
N ALA B 92 -17.00 -1.13 -8.17
CA ALA B 92 -16.45 -0.64 -9.46
C ALA B 92 -15.14 0.09 -9.17
N GLY B 93 -15.11 0.87 -8.09
CA GLY B 93 -13.94 1.65 -7.75
C GLY B 93 -12.80 0.71 -7.43
N ILE B 94 -13.01 -0.22 -6.53
CA ILE B 94 -11.97 -1.20 -6.16
C ILE B 94 -11.50 -1.95 -7.42
N ALA B 95 -12.41 -2.37 -8.30
CA ALA B 95 -12.01 -3.10 -9.55
C ALA B 95 -11.15 -2.21 -10.44
N ALA B 96 -11.37 -0.89 -10.44
CA ALA B 96 -10.62 0.05 -11.30
C ALA B 96 -9.33 0.48 -10.63
N GLY B 97 -9.03 -0.04 -9.45
CA GLY B 97 -7.75 0.18 -8.76
C GLY B 97 -7.82 1.18 -7.60
N SER B 98 -9.00 1.71 -7.24
CA SER B 98 -9.17 2.55 -6.01
C SER B 98 -8.75 1.71 -4.76
N LYS B 99 -7.86 2.23 -3.88
CA LYS B 99 -7.39 1.57 -2.61
C LYS B 99 -7.90 2.30 -1.34
N ASN B 100 -8.75 3.29 -1.59
CA ASN B 100 -9.35 4.12 -0.54
C ASN B 100 -10.81 4.45 -0.87
N LEU B 101 -11.65 4.62 0.18
CA LEU B 101 -13.06 5.07 0.08
C LEU B 101 -13.32 6.16 1.10
N LEU B 102 -14.05 7.20 0.73
CA LEU B 102 -14.37 8.32 1.62
C LEU B 102 -15.85 8.26 2.01
N ALA B 103 -16.19 8.63 3.24
CA ALA B 103 -17.58 8.68 3.72
C ALA B 103 -18.11 10.10 3.57
N PHE B 104 -19.13 10.40 4.34
CA PHE B 104 -20.12 11.43 3.99
C PHE B 104 -19.42 12.81 3.98
N ASN B 105 -19.96 13.69 3.11
CA ASN B 105 -19.46 15.08 2.94
C ASN B 105 -20.16 16.05 3.85
N GLU B 106 -19.47 16.53 4.90
CA GLU B 106 -20.02 17.58 5.76
C GLU B 106 -21.38 17.19 6.33
N PRO B 107 -21.49 16.05 7.04
CA PRO B 107 -22.72 15.73 7.74
C PRO B 107 -23.09 16.78 8.80
N ASP B 108 -22.11 17.55 9.24
CA ASP B 108 -22.28 18.63 10.23
C ASP B 108 -22.90 19.88 9.59
N ILE B 109 -23.09 19.92 8.29
CA ILE B 109 -23.62 21.10 7.58
C ILE B 109 -25.00 20.76 7.02
N ALA B 110 -25.95 21.63 7.27
CA ALA B 110 -27.37 21.40 6.94
C ALA B 110 -27.59 21.32 5.43
N SER B 111 -26.79 22.06 4.67
CA SER B 111 -26.88 22.12 3.20
C SER B 111 -26.03 21.06 2.51
N GLN B 112 -25.36 20.19 3.29
CA GLN B 112 -24.51 19.10 2.73
C GLN B 112 -25.11 17.80 3.22
N ALA B 113 -24.31 16.85 3.66
CA ALA B 113 -24.88 15.51 3.96
C ALA B 113 -25.90 15.57 5.10
N ASN B 114 -25.77 16.51 6.04
CA ASN B 114 -26.83 16.79 7.03
C ASN B 114 -27.29 15.52 7.73
N MET B 115 -26.38 14.97 8.57
CA MET B 115 -26.63 13.72 9.34
C MET B 115 -26.20 13.90 10.79
N SER B 116 -26.98 13.34 11.71
CA SER B 116 -26.55 13.35 13.13
C SER B 116 -25.33 12.44 13.26
N PRO B 117 -24.49 12.68 14.26
CA PRO B 117 -23.44 11.70 14.56
C PRO B 117 -23.95 10.27 14.68
N GLU B 118 -25.07 10.08 15.36
CA GLU B 118 -25.56 8.73 15.62
C GLU B 118 -26.01 8.10 14.29
N ALA B 119 -26.67 8.85 13.39
CA ALA B 119 -27.04 8.26 12.09
C ALA B 119 -25.77 7.92 11.31
N ALA B 120 -24.77 8.80 11.32
CA ALA B 120 -23.55 8.60 10.53
C ALA B 120 -22.77 7.40 11.08
N ALA B 121 -22.72 7.17 12.39
CA ALA B 121 -22.01 5.98 12.93
C ALA B 121 -22.71 4.72 12.43
N ALA B 122 -24.03 4.67 12.48
CA ALA B 122 -24.79 3.48 12.00
C ALA B 122 -24.54 3.22 10.51
N ALA B 123 -24.66 4.26 9.68
CA ALA B 123 -24.55 4.16 8.21
C ALA B 123 -23.10 3.80 7.85
N TYR B 124 -22.15 4.33 8.62
CA TYR B 124 -20.71 4.04 8.40
C TYR B 124 -20.47 2.54 8.62
N GLN B 125 -21.03 1.99 9.69
CA GLN B 125 -20.84 0.55 9.98
C GLN B 125 -21.49 -0.26 8.87
N LYS B 126 -22.65 0.15 8.37
CA LYS B 126 -23.36 -0.63 7.35
C LYS B 126 -22.65 -0.56 6.02
N TYR B 127 -22.22 0.62 5.60
CA TYR B 127 -21.87 0.86 4.21
C TYR B 127 -20.35 0.96 3.97
N MET B 128 -19.55 1.38 4.97
CA MET B 128 -18.09 1.53 4.79
C MET B 128 -17.34 0.30 5.32
N ASN B 129 -17.65 -0.13 6.55
CA ASN B 129 -16.98 -1.29 7.21
C ASN B 129 -16.86 -2.48 6.27
N PRO B 130 -17.85 -2.87 5.43
CA PRO B 130 -17.71 -4.10 4.63
C PRO B 130 -16.51 -4.12 3.69
N TYR B 131 -15.94 -2.94 3.36
CA TYR B 131 -14.80 -2.79 2.40
C TYR B 131 -13.42 -2.71 3.10
N ALA B 132 -13.36 -2.84 4.42
CA ALA B 132 -12.09 -2.60 5.17
C ALA B 132 -10.96 -3.56 4.75
N ALA B 133 -11.30 -4.79 4.33
CA ALA B 133 -10.24 -5.76 3.96
C ALA B 133 -9.56 -5.32 2.67
N ARG B 134 -10.24 -4.57 1.79
CA ARG B 134 -9.78 -4.32 0.41
C ARG B 134 -9.56 -2.83 0.17
N ALA B 135 -9.87 -1.97 1.13
CA ALA B 135 -9.69 -0.53 0.95
C ALA B 135 -9.48 0.12 2.31
N ARG B 136 -8.67 1.16 2.34
CA ARG B 136 -8.59 1.99 3.55
C ARG B 136 -9.73 3.00 3.54
N LEU B 137 -10.27 3.25 4.71
CA LEU B 137 -11.58 3.91 4.83
C LEU B 137 -11.43 5.24 5.56
N GLY B 138 -11.94 6.26 4.93
CA GLY B 138 -11.95 7.63 5.47
C GLY B 138 -13.23 7.98 6.21
N SER B 139 -13.09 8.68 7.33
CA SER B 139 -14.25 9.16 8.11
C SER B 139 -15.11 10.07 7.21
N PRO B 140 -16.34 10.35 7.66
CA PRO B 140 -17.09 11.52 7.16
C PRO B 140 -16.20 12.75 7.34
N ALA B 141 -16.28 13.67 6.37
CA ALA B 141 -15.50 14.92 6.33
C ALA B 141 -16.29 16.02 6.98
N VAL B 142 -15.72 16.60 8.04
CA VAL B 142 -16.38 17.73 8.72
C VAL B 142 -15.80 19.04 8.25
N SER B 143 -16.60 20.08 8.37
CA SER B 143 -16.19 21.48 8.19
C SER B 143 -15.24 21.93 9.29
N ASN B 144 -14.82 23.18 9.23
CA ASN B 144 -14.07 23.84 10.34
C ASN B 144 -15.03 24.73 11.12
N GLY B 145 -16.32 24.45 11.10
CA GLY B 145 -17.33 25.07 11.99
C GLY B 145 -16.98 24.82 13.44
N ALA B 146 -17.34 25.74 14.34
CA ALA B 146 -17.21 25.55 15.79
C ALA B 146 -18.16 24.47 16.30
N PRO B 147 -17.77 23.70 17.33
CA PRO B 147 -18.70 22.79 18.03
C PRO B 147 -20.10 23.38 18.21
N PRO B 148 -21.22 22.65 17.97
CA PRO B 148 -21.20 21.22 17.70
C PRO B 148 -20.99 20.79 16.24
N LYS B 149 -20.63 21.71 15.37
CA LYS B 149 -20.21 21.33 14.01
C LYS B 149 -18.74 20.95 14.05
N GLY B 150 -18.16 20.69 12.88
CA GLY B 150 -16.71 20.55 12.79
C GLY B 150 -16.15 19.39 13.62
N LEU B 151 -15.03 19.63 14.29
CA LEU B 151 -14.44 18.59 15.13
C LEU B 151 -15.34 18.24 16.34
N GLY B 152 -16.29 19.09 16.74
CA GLY B 152 -17.32 18.68 17.73
C GLY B 152 -18.12 17.54 17.18
N TRP B 153 -18.67 17.72 15.97
CA TRP B 153 -19.42 16.66 15.27
C TRP B 153 -18.55 15.41 15.20
N MET B 154 -17.31 15.54 14.74
CA MET B 154 -16.41 14.38 14.59
C MET B 154 -16.28 13.66 15.93
N GLN B 155 -16.04 14.39 17.02
CA GLN B 155 -15.87 13.71 18.33
C GLN B 155 -17.19 12.99 18.67
N GLY B 156 -18.33 13.59 18.40
CA GLY B 156 -19.65 12.98 18.68
C GLY B 156 -19.82 11.68 17.92
N PHE B 157 -19.32 11.64 16.69
CA PHE B 157 -19.43 10.48 15.77
C PHE B 157 -18.50 9.39 16.27
N LEU B 158 -17.29 9.77 16.68
CA LEU B 158 -16.31 8.78 17.18
C LEU B 158 -16.80 8.18 18.50
N ASP B 159 -17.55 8.94 19.29
CA ASP B 159 -18.19 8.39 20.51
C ASP B 159 -19.28 7.41 20.09
N VAL B 160 -20.22 7.76 19.23
CA VAL B 160 -21.31 6.79 18.93
C VAL B 160 -20.72 5.54 18.24
N CYS B 161 -19.66 5.71 17.44
CA CYS B 161 -18.94 4.56 16.81
C CYS B 161 -18.51 3.53 17.86
N ALA B 162 -18.06 3.98 19.01
CA ALA B 162 -17.78 3.10 20.15
C ALA B 162 -16.84 1.96 19.76
N GLY B 163 -15.87 2.27 18.87
CA GLY B 163 -14.84 1.29 18.45
C GLY B 163 -15.28 0.44 17.28
N ASN B 164 -16.52 0.59 16.81
CA ASN B 164 -17.09 -0.34 15.78
C ASN B 164 -16.92 0.21 14.35
N CYS B 165 -16.55 1.47 14.18
CA CYS B 165 -16.32 2.03 12.83
C CYS B 165 -14.87 1.71 12.43
N LYS B 166 -14.67 1.11 11.26
CA LYS B 166 -13.32 0.78 10.75
C LYS B 166 -12.83 2.00 9.99
N ILE B 167 -12.05 2.82 10.63
CA ILE B 167 -11.61 4.14 10.11
C ILE B 167 -10.08 4.14 10.07
N ASP B 168 -9.53 4.30 8.88
CA ASP B 168 -8.07 4.37 8.68
C ASP B 168 -7.60 5.82 8.78
N PHE B 169 -8.42 6.80 8.50
CA PHE B 169 -8.00 8.22 8.54
C PHE B 169 -9.23 9.09 8.72
N LEU B 170 -9.06 10.20 9.42
CA LEU B 170 -10.11 11.24 9.47
C LEU B 170 -10.02 12.09 8.22
N ALA B 171 -11.15 12.53 7.70
CA ALA B 171 -11.20 13.54 6.63
C ALA B 171 -11.70 14.88 7.17
N VAL B 172 -11.02 15.96 6.88
CA VAL B 172 -11.38 17.29 7.42
C VAL B 172 -11.25 18.36 6.34
N HIS B 173 -12.00 19.43 6.56
CA HIS B 173 -12.07 20.59 5.65
C HIS B 173 -11.76 21.88 6.40
N TRP B 174 -11.13 22.80 5.74
CA TRP B 174 -10.85 24.15 6.31
C TRP B 174 -11.03 25.20 5.23
N HIS B 175 -11.94 26.10 5.47
CA HIS B 175 -12.08 27.31 4.63
C HIS B 175 -12.03 28.51 5.55
N GLY B 176 -11.16 29.46 5.22
CA GLY B 176 -11.14 30.69 6.02
C GLY B 176 -10.23 31.70 5.34
N PRO B 177 -10.00 32.88 5.92
CA PRO B 177 -9.14 33.85 5.26
C PRO B 177 -7.68 33.41 5.15
N SER B 178 -7.07 33.80 4.05
CA SER B 178 -5.67 33.49 3.69
C SER B 178 -4.78 34.03 4.81
N GLY B 179 -5.20 35.10 5.50
CA GLY B 179 -4.44 35.70 6.61
C GLY B 179 -4.51 34.93 7.91
N ASN B 180 -5.30 33.85 7.98
CA ASN B 180 -5.60 33.08 9.22
C ASN B 180 -4.89 31.71 9.12
N VAL B 181 -3.68 31.65 8.56
CA VAL B 181 -2.92 30.38 8.34
C VAL B 181 -2.66 29.73 9.68
N ASP B 182 -2.44 30.49 10.74
CA ASP B 182 -2.17 29.79 12.03
C ASP B 182 -3.41 29.00 12.43
N ASP B 183 -4.60 29.50 12.08
CA ASP B 183 -5.84 28.81 12.49
C ASP B 183 -5.94 27.52 11.67
N PHE B 184 -5.57 27.57 10.40
CA PHE B 184 -5.52 26.37 9.51
C PHE B 184 -4.61 25.33 10.18
N LYS B 185 -3.40 25.73 10.54
CA LYS B 185 -2.46 24.75 11.18
C LYS B 185 -3.00 24.24 12.51
N ARG B 186 -3.64 25.10 13.31
CA ARG B 186 -4.22 24.66 14.60
C ARG B 186 -5.36 23.68 14.38
N TYR B 187 -6.18 23.93 13.37
CA TYR B 187 -7.32 23.03 13.09
C TYR B 187 -6.84 21.67 12.65
N VAL B 188 -5.88 21.62 11.73
CA VAL B 188 -5.30 20.32 11.29
C VAL B 188 -4.60 19.61 12.47
N SER B 189 -3.85 20.35 13.31
CA SER B 189 -3.22 19.76 14.51
C SER B 189 -4.27 19.15 15.46
N GLU B 190 -5.38 19.87 15.69
CA GLU B 190 -6.47 19.40 16.56
C GLU B 190 -7.13 18.16 15.95
N ALA B 191 -7.28 18.14 14.62
CA ALA B 191 -7.88 16.97 13.95
C ALA B 191 -7.01 15.75 14.17
N ILE B 192 -5.71 15.90 14.00
CA ILE B 192 -4.76 14.79 14.24
C ILE B 192 -4.85 14.33 15.68
N ALA B 193 -4.83 15.24 16.62
CA ALA B 193 -4.91 14.87 18.05
C ALA B 193 -6.23 14.18 18.34
N LEU B 194 -7.35 14.60 17.70
CA LEU B 194 -8.64 13.95 17.96
C LEU B 194 -8.59 12.52 17.44
N GLY B 195 -8.06 12.30 16.24
CA GLY B 195 -7.92 10.93 15.67
C GLY B 195 -7.13 10.06 16.63
N GLN B 196 -6.06 10.60 17.17
CA GLN B 196 -5.14 9.80 18.02
C GLN B 196 -5.86 9.33 19.31
N LYS B 197 -6.80 10.09 19.83
CA LYS B 197 -7.58 9.74 21.06
C LYS B 197 -8.43 8.52 20.77
N TYR B 198 -8.82 8.31 19.50
CA TYR B 198 -9.71 7.19 19.07
C TYR B 198 -8.95 6.17 18.23
N GLY B 199 -7.62 6.13 18.30
CA GLY B 199 -6.78 5.11 17.62
C GLY B 199 -6.61 5.32 16.11
N ILE B 200 -6.88 6.52 15.61
CA ILE B 200 -6.84 6.86 14.17
C ILE B 200 -5.65 7.82 13.97
N GLY B 201 -4.62 7.33 13.35
CA GLY B 201 -3.25 7.90 13.37
C GLY B 201 -2.95 8.74 12.16
N THR B 202 -3.96 9.20 11.40
CA THR B 202 -3.68 10.19 10.34
C THR B 202 -4.97 10.83 9.85
N VAL B 203 -4.79 11.91 9.14
CA VAL B 203 -5.91 12.63 8.53
C VAL B 203 -5.61 12.93 7.07
N TRP B 204 -6.69 13.09 6.34
CA TRP B 204 -6.69 13.72 4.99
C TRP B 204 -7.38 15.07 5.09
N VAL B 205 -6.72 16.10 4.59
CA VAL B 205 -7.36 17.45 4.49
C VAL B 205 -7.97 17.52 3.08
N THR B 206 -9.20 17.04 2.92
CA THR B 206 -9.82 16.77 1.59
C THR B 206 -10.41 18.04 0.96
N GLU B 207 -10.47 19.13 1.71
CA GLU B 207 -10.69 20.49 1.15
C GLU B 207 -9.90 21.48 2.04
N PHE B 208 -9.21 22.42 1.40
CA PHE B 208 -8.75 23.61 2.13
C PHE B 208 -8.70 24.74 1.14
N GLU B 209 -9.03 25.94 1.63
CA GLU B 209 -8.99 27.16 0.80
C GLU B 209 -8.66 28.34 1.73
N GLY B 210 -7.52 28.97 1.42
CA GLY B 210 -7.17 30.26 2.06
C GLY B 210 -7.74 31.34 1.20
N GLN B 211 -8.86 31.93 1.59
CA GLN B 211 -9.59 32.86 0.71
C GLN B 211 -8.94 34.24 0.64
N GLY B 212 -9.11 34.85 -0.50
CA GLY B 212 -8.57 36.19 -0.78
C GLY B 212 -8.24 36.33 -2.24
N ASP B 213 -7.52 37.38 -2.64
CA ASP B 213 -7.18 37.51 -4.08
C ASP B 213 -6.08 36.52 -4.46
N GLU B 214 -5.65 36.50 -5.73
CA GLU B 214 -4.77 35.42 -6.26
C GLU B 214 -3.41 35.44 -5.57
N GLU B 215 -2.82 36.62 -5.38
CA GLU B 215 -1.52 36.73 -4.68
C GLU B 215 -1.67 36.21 -3.23
N ALA B 216 -2.76 36.55 -2.55
CA ALA B 216 -3.05 36.14 -1.15
C ALA B 216 -3.09 34.62 -1.14
N GLN B 217 -3.81 34.05 -2.10
CA GLN B 217 -3.91 32.57 -2.20
C GLN B 217 -2.55 31.94 -2.50
N VAL B 218 -1.77 32.49 -3.42
CA VAL B 218 -0.44 31.91 -3.70
C VAL B 218 0.41 31.93 -2.41
N ASN B 219 0.41 33.05 -1.68
CA ASN B 219 1.27 33.16 -0.47
C ASN B 219 0.83 32.13 0.58
N PHE B 220 -0.49 31.93 0.76
CA PHE B 220 -1.09 30.92 1.67
C PHE B 220 -0.51 29.54 1.29
N LEU B 221 -0.60 29.18 0.02
CA LEU B 221 -0.02 27.89 -0.45
C LEU B 221 1.49 27.78 -0.20
N LYS B 222 2.24 28.87 -0.40
CA LYS B 222 3.71 28.80 -0.19
C LYS B 222 4.03 28.46 1.27
N GLU B 223 3.19 28.92 2.21
CA GLU B 223 3.32 28.55 3.64
C GLU B 223 2.77 27.12 3.86
N VAL B 224 1.55 26.83 3.41
CA VAL B 224 0.88 25.63 3.98
C VAL B 224 1.32 24.37 3.24
N LEU B 225 1.65 24.42 1.95
CA LEU B 225 2.03 23.15 1.27
C LEU B 225 3.28 22.51 1.87
N PRO B 226 4.40 23.21 2.07
CA PRO B 226 5.55 22.55 2.70
C PRO B 226 5.20 22.00 4.11
N TRP B 227 4.41 22.76 4.87
CA TRP B 227 4.02 22.40 6.26
C TRP B 227 3.25 21.08 6.15
N LEU B 228 2.29 21.01 5.24
CA LEU B 228 1.50 19.74 5.12
C LEU B 228 2.42 18.62 4.66
N ASP B 229 3.32 18.88 3.72
CA ASP B 229 4.19 17.83 3.13
C ASP B 229 5.09 17.23 4.20
N SER B 230 5.53 17.96 5.22
CA SER B 230 6.38 17.36 6.29
C SER B 230 5.55 16.95 7.52
N ASN B 231 4.24 17.13 7.52
CA ASN B 231 3.40 16.79 8.70
C ASN B 231 3.17 15.28 8.68
N ALA B 232 3.74 14.55 9.65
CA ALA B 232 3.53 13.09 9.89
C ALA B 232 2.04 12.70 9.91
N GLY B 233 1.19 13.59 10.41
CA GLY B 233 -0.21 13.33 10.69
C GLY B 233 -1.10 13.54 9.50
N VAL B 234 -0.54 14.09 8.41
CA VAL B 234 -1.36 14.36 7.19
C VAL B 234 -0.89 13.42 6.08
N GLU B 235 -1.74 12.48 5.71
CA GLU B 235 -1.37 11.53 4.64
C GLU B 235 -1.57 12.16 3.26
N ARG B 236 -2.65 12.92 3.11
CA ARG B 236 -3.06 13.41 1.76
C ARG B 236 -3.80 14.70 1.99
N TYR B 237 -3.92 15.49 0.95
CA TYR B 237 -4.70 16.73 1.01
C TYR B 237 -5.04 17.15 -0.40
N ALA B 238 -6.01 18.02 -0.48
CA ALA B 238 -6.50 18.62 -1.75
C ALA B 238 -6.91 20.05 -1.54
N SER B 239 -6.23 20.96 -2.20
CA SER B 239 -6.71 22.38 -2.30
C SER B 239 -8.07 22.41 -2.95
N PHE B 240 -8.92 23.32 -2.51
CA PHE B 240 -10.29 23.46 -3.02
C PHE B 240 -10.32 24.56 -4.08
N PHE B 241 -10.54 24.27 -5.35
CA PHE B 241 -10.54 22.93 -5.95
C PHE B 241 -10.19 23.09 -7.41
N VAL B 242 -10.06 22.00 -8.15
CA VAL B 242 -9.48 22.05 -9.53
C VAL B 242 -10.23 23.11 -10.34
N ASP B 243 -11.57 23.09 -10.33
CA ASP B 243 -12.33 23.87 -11.33
C ASP B 243 -12.12 25.37 -11.09
N ASN B 244 -11.73 25.77 -9.87
N ASN B 244 -11.77 25.81 -9.87
CA ASN B 244 -11.52 27.21 -9.55
CA ASN B 244 -11.49 27.25 -9.63
C ASN B 244 -10.02 27.58 -9.74
C ASN B 244 -10.03 27.60 -10.02
N LEU B 245 -9.13 26.60 -10.04
CA LEU B 245 -7.67 26.76 -10.30
C LEU B 245 -7.32 26.76 -11.81
N VAL B 246 -8.29 26.62 -12.70
CA VAL B 246 -8.16 26.57 -14.18
C VAL B 246 -9.11 27.64 -14.74
N LYS B 247 -8.68 28.43 -15.73
CA LYS B 247 -9.55 29.40 -16.48
C LYS B 247 -9.27 29.22 -17.98
N GLY B 248 -10.31 28.96 -18.81
CA GLY B 248 -10.20 28.68 -20.26
C GLY B 248 -9.13 27.64 -20.57
N GLY B 249 -9.14 26.53 -19.84
CA GLY B 249 -8.20 25.41 -20.07
C GLY B 249 -6.84 25.61 -19.41
N ALA B 250 -6.53 26.80 -18.89
CA ALA B 250 -5.18 27.12 -18.37
C ALA B 250 -5.14 27.25 -16.84
N LEU B 251 -4.06 26.81 -16.19
CA LEU B 251 -3.86 27.07 -14.74
C LEU B 251 -3.81 28.58 -14.48
N THR B 252 -4.49 29.04 -13.45
CA THR B 252 -4.34 30.39 -12.88
C THR B 252 -3.02 30.44 -12.10
N SER B 253 -2.63 31.61 -11.64
CA SER B 253 -1.41 31.72 -10.80
C SER B 253 -1.54 30.82 -9.60
N VAL B 254 -2.77 30.60 -9.12
CA VAL B 254 -2.99 29.79 -7.89
C VAL B 254 -2.83 28.31 -8.28
N GLY B 255 -3.42 27.92 -9.42
CA GLY B 255 -3.27 26.55 -9.93
C GLY B 255 -1.81 26.27 -10.22
N LYS B 256 -1.11 27.24 -10.80
CA LYS B 256 0.34 27.04 -10.99
C LYS B 256 1.05 26.83 -9.65
N ALA B 257 0.80 27.65 -8.64
CA ALA B 257 1.41 27.47 -7.31
C ALA B 257 1.14 26.04 -6.81
N TYR B 258 -0.13 25.61 -6.88
CA TYR B 258 -0.54 24.27 -6.38
C TYR B 258 0.29 23.20 -7.10
N LYS B 259 0.51 23.36 -8.40
CA LYS B 259 1.33 22.42 -9.25
C LYS B 259 2.83 22.44 -8.86
N THR B 260 3.42 23.59 -8.58
CA THR B 260 4.90 23.73 -8.62
C THR B 260 5.50 23.73 -7.22
N ILE B 261 4.79 24.21 -6.20
CA ILE B 261 5.44 24.45 -4.90
C ILE B 261 6.01 23.13 -4.39
N GLY C 32 29.34 8.01 18.78
CA GLY C 32 29.51 8.99 19.92
C GLY C 32 29.46 8.27 21.27
N SER C 33 28.89 8.89 22.32
CA SER C 33 28.65 8.25 23.66
C SER C 33 27.75 7.02 23.51
N GLY C 34 26.94 6.97 22.46
CA GLY C 34 26.00 5.88 22.31
C GLY C 34 24.74 6.19 23.11
N LYS C 35 24.58 7.40 23.70
CA LYS C 35 23.41 7.72 24.53
C LYS C 35 22.32 8.45 23.73
N ARG C 36 22.71 9.18 22.69
CA ARG C 36 21.79 10.16 22.05
C ARG C 36 20.74 9.53 21.11
N GLY C 37 19.49 9.93 21.36
CA GLY C 37 18.30 9.36 20.70
C GLY C 37 17.56 10.28 19.76
N LEU C 38 16.76 9.71 18.89
CA LEU C 38 15.94 10.53 17.95
C LEU C 38 14.47 10.25 18.30
N ALA C 39 13.81 11.22 18.95
CA ALA C 39 12.38 11.19 19.31
C ALA C 39 11.61 11.83 18.13
N TYR C 40 10.76 11.08 17.44
CA TYR C 40 10.19 11.56 16.13
C TYR C 40 8.69 11.34 16.04
N ASN C 41 8.03 12.06 15.12
CA ASN C 41 6.73 11.69 14.58
C ASN C 41 6.88 11.32 13.10
N ASN C 42 7.52 12.19 12.30
CA ASN C 42 7.74 11.91 10.87
C ASN C 42 9.02 11.11 10.69
N ILE C 43 8.90 9.82 10.43
CA ILE C 43 10.07 8.93 10.23
C ILE C 43 10.93 9.43 9.07
N ASN C 44 10.33 10.15 8.09
CA ASN C 44 11.11 10.66 6.94
C ASN C 44 12.13 11.70 7.41
N LEU C 45 11.94 12.36 8.56
CA LEU C 45 12.87 13.41 9.05
C LEU C 45 14.12 12.80 9.68
N LEU C 46 14.12 11.51 10.01
CA LEU C 46 15.31 10.89 10.62
C LEU C 46 16.50 10.95 9.65
N THR C 47 16.21 10.98 8.33
CA THR C 47 17.23 11.01 7.25
C THR C 47 18.17 12.20 7.46
N ALA C 48 17.66 13.33 7.91
CA ALA C 48 18.51 14.53 8.11
C ALA C 48 19.55 14.29 9.18
N PHE C 49 19.36 13.30 10.06
CA PHE C 49 20.31 13.02 11.16
C PHE C 49 21.24 11.87 10.82
N GLU C 50 21.15 11.32 9.61
CA GLU C 50 22.04 10.22 9.15
C GLU C 50 23.50 10.66 9.29
N GLY C 51 24.32 9.85 9.95
CA GLY C 51 25.74 10.17 10.16
C GLY C 51 26.04 10.66 11.56
N GLY C 52 25.04 11.11 12.31
CA GLY C 52 25.30 11.60 13.66
C GLY C 52 25.42 10.48 14.70
N PRO C 53 25.73 10.85 15.96
CA PRO C 53 25.99 9.89 17.04
C PRO C 53 24.72 9.35 17.70
N PHE C 54 23.87 8.75 16.88
CA PHE C 54 22.51 8.31 17.27
C PHE C 54 22.47 6.80 17.31
N SER C 55 21.95 6.23 18.40
CA SER C 55 21.90 4.77 18.60
C SER C 55 20.44 4.28 18.62
N TRP C 56 19.50 5.18 18.88
CA TRP C 56 18.14 4.71 19.20
C TRP C 56 17.10 5.75 18.80
N SER C 57 15.88 5.29 18.75
CA SER C 57 14.76 6.16 18.38
C SER C 57 13.48 5.70 19.10
N TYR C 58 12.53 6.61 19.23
CA TYR C 58 11.15 6.29 19.68
C TYR C 58 10.23 7.37 19.14
N ASN C 59 8.96 7.02 19.09
CA ASN C 59 8.00 7.92 18.44
C ASN C 59 6.70 8.03 19.23
N TRP C 60 6.70 7.75 20.55
CA TRP C 60 5.52 7.85 21.45
C TRP C 60 4.44 6.88 21.00
N GLU C 61 4.76 5.92 20.13
CA GLU C 61 3.79 4.90 19.64
C GLU C 61 4.40 3.53 19.89
N PRO C 62 3.59 2.46 19.76
CA PRO C 62 4.08 1.10 19.90
C PRO C 62 4.78 0.54 18.65
N ARG C 63 4.58 1.20 17.52
CA ARG C 63 5.03 0.76 16.20
C ARG C 63 5.80 1.91 15.54
N PRO C 64 6.89 1.60 14.80
CA PRO C 64 7.77 2.66 14.31
C PRO C 64 7.22 3.48 13.12
N GLY C 65 6.26 2.93 12.37
CA GLY C 65 5.76 3.61 11.16
C GLY C 65 6.68 3.43 9.96
N GLY C 66 7.54 2.43 10.00
CA GLY C 66 8.52 2.20 8.94
C GLY C 66 9.72 1.47 9.51
N TYR C 67 10.86 1.61 8.85
CA TYR C 67 12.12 1.00 9.24
C TYR C 67 13.23 2.00 9.06
N THR C 68 14.11 2.07 10.09
CA THR C 68 15.29 2.92 10.06
C THR C 68 16.54 2.07 10.27
N ALA C 69 17.39 1.91 9.26
CA ALA C 69 18.57 1.05 9.43
C ALA C 69 19.55 1.66 10.43
N GLY C 70 20.17 0.82 11.28
CA GLY C 70 21.34 1.22 12.09
C GLY C 70 20.94 1.88 13.41
N ILE C 71 19.65 1.92 13.73
CA ILE C 71 19.09 2.62 14.93
C ILE C 71 18.20 1.62 15.64
N GLU C 72 18.27 1.51 16.97
CA GLU C 72 17.34 0.65 17.75
C GLU C 72 16.05 1.42 17.98
N TYR C 73 14.95 0.94 17.41
CA TYR C 73 13.64 1.54 17.72
C TYR C 73 13.14 0.98 19.06
N VAL C 74 12.65 1.87 19.91
CA VAL C 74 12.10 1.50 21.25
C VAL C 74 10.59 1.69 21.24
N PRO C 75 9.82 0.61 21.20
CA PRO C 75 8.37 0.69 21.37
C PRO C 75 7.94 1.29 22.70
N MET C 76 6.87 2.07 22.64
CA MET C 76 6.21 2.69 23.82
C MET C 76 4.76 2.21 23.98
N LEU C 77 4.45 1.80 25.19
CA LEU C 77 3.08 1.62 25.67
C LEU C 77 2.67 2.96 26.26
N TRP C 78 1.99 3.81 25.48
CA TRP C 78 1.81 5.22 25.81
C TRP C 78 0.82 5.41 26.96
N GLY C 79 -0.18 4.55 27.03
CA GLY C 79 -1.28 4.71 27.98
C GLY C 79 -2.34 3.66 27.70
N PRO C 80 -3.47 3.74 28.43
CA PRO C 80 -4.51 2.75 28.26
C PRO C 80 -5.03 2.47 26.84
N ARG C 81 -5.01 3.46 25.96
CA ARG C 81 -5.37 3.31 24.50
C ARG C 81 -4.56 2.19 23.83
N GLY C 82 -3.38 1.84 24.37
CA GLY C 82 -2.43 0.88 23.79
C GLY C 82 -2.62 -0.54 24.30
N TYR C 83 -3.45 -0.80 25.30
CA TYR C 83 -3.46 -2.14 25.93
C TYR C 83 -3.88 -3.20 24.89
N GLY C 84 -4.84 -2.88 24.01
CA GLY C 84 -5.45 -3.91 23.14
C GLY C 84 -4.46 -4.53 22.16
N SER C 85 -3.54 -3.72 21.63
CA SER C 85 -2.53 -4.19 20.65
C SER C 85 -1.16 -4.50 21.29
N TRP C 86 -0.92 -4.07 22.54
CA TRP C 86 0.45 -4.02 23.12
C TRP C 86 1.18 -5.33 22.96
N ASN C 87 0.56 -6.47 23.28
CA ASN C 87 1.30 -7.75 23.27
C ASN C 87 1.86 -7.99 21.86
N ALA C 88 1.01 -7.82 20.84
CA ALA C 88 1.44 -7.94 19.43
C ALA C 88 2.53 -6.92 19.11
N ASP C 89 2.38 -5.68 19.56
CA ASP C 89 3.32 -4.58 19.27
C ASP C 89 4.68 -4.91 19.90
N ALA C 90 4.68 -5.32 21.15
CA ALA C 90 5.91 -5.67 21.89
C ALA C 90 6.63 -6.82 21.19
N GLU C 91 5.90 -7.88 20.88
CA GLU C 91 6.53 -9.03 20.20
C GLU C 91 7.04 -8.58 18.84
N ALA C 92 6.35 -7.71 18.10
CA ALA C 92 6.87 -7.28 16.78
C ALA C 92 8.19 -6.54 16.98
N GLY C 93 8.23 -5.64 17.96
CA GLY C 93 9.42 -4.84 18.29
C GLY C 93 10.57 -5.75 18.67
N ILE C 94 10.37 -6.68 19.57
CA ILE C 94 11.43 -7.64 19.96
C ILE C 94 11.91 -8.44 18.73
N ALA C 95 11.00 -8.94 17.91
CA ALA C 95 11.38 -9.70 16.68
C ALA C 95 12.23 -8.83 15.74
N ALA C 96 12.00 -7.51 15.68
CA ALA C 96 12.68 -6.58 14.75
C ALA C 96 13.98 -6.04 15.37
N GLY C 97 14.34 -6.50 16.57
CA GLY C 97 15.64 -6.23 17.20
C GLY C 97 15.58 -5.21 18.32
N SER C 98 14.39 -4.73 18.69
CA SER C 98 14.22 -3.81 19.86
C SER C 98 14.62 -4.60 21.12
N LYS C 99 15.39 -3.98 22.00
CA LYS C 99 15.96 -4.60 23.24
C LYS C 99 15.46 -3.88 24.52
N ASN C 100 14.63 -2.89 24.33
CA ASN C 100 14.10 -2.06 25.41
C ASN C 100 12.63 -1.79 25.07
N LEU C 101 11.79 -1.54 26.10
CA LEU C 101 10.37 -1.11 25.96
C LEU C 101 10.08 0.00 26.98
N LEU C 102 9.35 1.01 26.57
CA LEU C 102 9.01 2.14 27.48
C LEU C 102 7.54 2.08 27.87
N ALA C 103 7.22 2.43 29.11
CA ALA C 103 5.81 2.48 29.60
C ALA C 103 5.27 3.90 29.44
N PHE C 104 4.29 4.25 30.24
CA PHE C 104 3.28 5.23 29.85
C PHE C 104 3.91 6.62 29.77
N ASN C 105 3.36 7.46 28.90
CA ASN C 105 3.85 8.86 28.70
C ASN C 105 3.14 9.85 29.59
N GLU C 106 3.81 10.35 30.61
CA GLU C 106 3.30 11.45 31.46
C GLU C 106 1.96 11.06 32.07
N PRO C 107 1.90 9.93 32.83
CA PRO C 107 0.68 9.58 33.54
C PRO C 107 0.31 10.64 34.61
N ASP C 108 1.30 11.45 34.98
CA ASP C 108 1.16 12.54 35.97
C ASP C 108 0.48 13.74 35.36
N ILE C 109 0.23 13.73 34.06
CA ILE C 109 -0.32 14.93 33.34
C ILE C 109 -1.68 14.55 32.79
N ALA C 110 -2.70 15.37 33.08
CA ALA C 110 -4.09 15.04 32.71
C ALA C 110 -4.30 14.98 31.21
N SER C 111 -3.54 15.79 30.46
CA SER C 111 -3.69 15.82 28.99
C SER C 111 -2.78 14.82 28.31
N GLN C 112 -2.09 13.96 29.10
CA GLN C 112 -1.27 12.86 28.54
C GLN C 112 -1.83 11.56 29.08
N ALA C 113 -1.00 10.61 29.52
CA ALA C 113 -1.54 9.26 29.80
C ALA C 113 -2.53 9.33 30.96
N ASN C 114 -2.40 10.31 31.84
CA ASN C 114 -3.47 10.57 32.85
C ASN C 114 -3.87 9.32 33.67
N MET C 115 -2.94 8.84 34.52
CA MET C 115 -3.14 7.56 35.28
C MET C 115 -2.67 7.79 36.72
N SER C 116 -3.43 7.28 37.67
CA SER C 116 -3.02 7.27 39.09
C SER C 116 -1.76 6.41 39.23
N PRO C 117 -0.88 6.71 40.20
CA PRO C 117 0.19 5.78 40.50
C PRO C 117 -0.28 4.35 40.68
N GLU C 118 -1.40 4.14 41.39
CA GLU C 118 -1.83 2.74 41.62
C GLU C 118 -2.35 2.07 40.34
N ALA C 119 -3.06 2.77 39.46
CA ALA C 119 -3.46 2.20 38.16
C ALA C 119 -2.21 1.86 37.32
N ALA C 120 -1.22 2.75 37.31
CA ALA C 120 -0.02 2.54 36.49
C ALA C 120 0.78 1.33 37.03
N ALA C 121 0.86 1.16 38.36
CA ALA C 121 1.62 0.03 38.92
C ALA C 121 0.97 -1.27 38.49
N ALA C 122 -0.38 -1.32 38.54
CA ALA C 122 -1.09 -2.56 38.16
C ALA C 122 -0.92 -2.85 36.66
N ALA C 123 -1.11 -1.84 35.83
CA ALA C 123 -0.98 -2.01 34.38
C ALA C 123 0.46 -2.34 33.98
N TYR C 124 1.44 -1.76 34.70
CA TYR C 124 2.87 -2.04 34.43
C TYR C 124 3.16 -3.52 34.71
N GLN C 125 2.68 -4.05 35.84
CA GLN C 125 2.84 -5.49 36.16
C GLN C 125 2.16 -6.36 35.10
N LYS C 126 1.01 -5.93 34.59
CA LYS C 126 0.27 -6.76 33.57
C LYS C 126 1.00 -6.72 32.23
N TYR C 127 1.38 -5.53 31.79
CA TYR C 127 1.73 -5.31 30.37
C TYR C 127 3.23 -5.19 30.13
N MET C 128 4.04 -4.76 31.13
CA MET C 128 5.48 -4.63 30.89
C MET C 128 6.22 -5.85 31.43
N ASN C 129 5.94 -6.26 32.66
CA ASN C 129 6.69 -7.33 33.33
C ASN C 129 6.83 -8.58 32.46
N PRO C 130 5.83 -9.01 31.63
CA PRO C 130 6.00 -10.27 30.87
C PRO C 130 7.23 -10.28 29.94
N TYR C 131 7.71 -9.12 29.52
CA TYR C 131 8.83 -8.96 28.54
C TYR C 131 10.21 -8.87 29.22
N ALA C 132 10.28 -8.89 30.55
CA ALA C 132 11.54 -8.61 31.30
C ALA C 132 12.68 -9.56 30.90
N ALA C 133 12.37 -10.79 30.49
CA ALA C 133 13.42 -11.74 30.11
C ALA C 133 14.10 -11.36 28.81
N ARG C 134 13.39 -10.66 27.93
CA ARG C 134 13.80 -10.45 26.52
C ARG C 134 13.98 -8.97 26.23
N ALA C 135 13.70 -8.10 27.18
CA ALA C 135 13.87 -6.65 26.96
C ALA C 135 14.08 -5.96 28.31
N ARG C 136 14.85 -4.91 28.31
CA ARG C 136 14.98 -3.98 29.47
C ARG C 136 13.80 -3.02 29.48
N LEU C 137 13.25 -2.77 30.65
CA LEU C 137 11.93 -2.15 30.78
C LEU C 137 12.05 -0.80 31.42
N GLY C 138 11.55 0.21 30.77
CA GLY C 138 11.54 1.60 31.28
C GLY C 138 10.26 1.94 32.04
N SER C 139 10.41 2.67 33.14
CA SER C 139 9.24 3.16 33.90
C SER C 139 8.35 4.03 33.01
N PRO C 140 7.13 4.31 33.46
CA PRO C 140 6.37 5.44 32.92
C PRO C 140 7.25 6.69 33.08
N ALA C 141 7.11 7.56 32.08
CA ALA C 141 7.87 8.81 31.98
C ALA C 141 7.09 9.93 32.63
N VAL C 142 7.65 10.53 33.66
CA VAL C 142 7.01 11.69 34.31
C VAL C 142 7.52 13.00 33.79
N SER C 143 6.67 14.00 33.91
CA SER C 143 7.04 15.40 33.67
C SER C 143 8.00 15.91 34.73
N ASN C 144 8.41 17.19 34.64
CA ASN C 144 9.21 17.82 35.70
C ASN C 144 8.30 18.71 36.56
N GLY C 145 6.99 18.46 36.58
CA GLY C 145 6.09 19.16 37.52
C GLY C 145 6.44 18.84 38.97
N ALA C 146 6.14 19.79 39.87
CA ALA C 146 6.36 19.58 41.31
C ALA C 146 5.47 18.50 41.86
N PRO C 147 5.94 17.73 42.86
CA PRO C 147 5.08 16.76 43.56
C PRO C 147 3.77 17.45 43.87
N PRO C 148 2.60 16.81 43.70
CA PRO C 148 2.49 15.37 43.39
C PRO C 148 2.54 14.95 41.92
N LYS C 149 2.89 15.84 41.01
CA LYS C 149 3.28 15.43 39.63
C LYS C 149 4.74 15.01 39.66
N GLY C 150 5.31 14.70 38.49
CA GLY C 150 6.77 14.58 38.36
C GLY C 150 7.33 13.48 39.27
N LEU C 151 8.45 13.74 39.95
CA LEU C 151 9.13 12.73 40.76
C LEU C 151 8.28 12.41 42.00
N GLY C 152 7.27 13.22 42.29
CA GLY C 152 6.26 12.91 43.31
C GLY C 152 5.45 11.72 42.89
N TRP C 153 4.89 11.83 41.70
CA TRP C 153 4.15 10.74 41.02
C TRP C 153 5.04 9.49 40.98
N MET C 154 6.26 9.63 40.51
CA MET C 154 7.18 8.49 40.32
C MET C 154 7.34 7.76 41.64
N GLN C 155 7.63 8.50 42.70
CA GLN C 155 7.79 7.88 44.03
C GLN C 155 6.48 7.17 44.42
N GLY C 156 5.31 7.78 44.22
CA GLY C 156 4.00 7.14 44.53
C GLY C 156 3.83 5.82 43.78
N PHE C 157 4.31 5.78 42.54
CA PHE C 157 4.23 4.61 41.63
C PHE C 157 5.16 3.52 42.14
N LEU C 158 6.37 3.88 42.51
CA LEU C 158 7.36 2.91 43.01
C LEU C 158 6.87 2.38 44.35
N ASP C 159 6.14 3.17 45.13
CA ASP C 159 5.55 2.68 46.39
C ASP C 159 4.47 1.63 46.06
N VAL C 160 3.49 1.96 45.19
CA VAL C 160 2.40 1.00 44.89
C VAL C 160 2.99 -0.26 44.25
N CYS C 161 4.02 -0.12 43.40
CA CYS C 161 4.68 -1.32 42.79
C CYS C 161 5.10 -2.31 43.90
N ALA C 162 5.64 -1.80 45.01
CA ALA C 162 5.93 -2.61 46.20
C ALA C 162 6.86 -3.77 45.85
N GLY C 163 7.82 -3.52 44.95
CA GLY C 163 8.88 -4.46 44.54
C GLY C 163 8.46 -5.40 43.43
N ASN C 164 7.22 -5.24 42.90
CA ASN C 164 6.62 -6.18 41.93
C ASN C 164 6.80 -5.66 40.48
N CYS C 165 7.18 -4.40 40.27
CA CYS C 165 7.38 -3.86 38.91
C CYS C 165 8.81 -4.17 38.52
N LYS C 166 9.01 -4.77 37.35
CA LYS C 166 10.36 -5.09 36.82
C LYS C 166 10.80 -3.89 36.01
N ILE C 167 11.64 -3.05 36.60
CA ILE C 167 12.06 -1.74 36.04
C ILE C 167 13.58 -1.73 35.96
N ASP C 168 14.11 -1.58 34.76
CA ASP C 168 15.56 -1.50 34.54
C ASP C 168 16.00 -0.05 34.57
N PHE C 169 15.11 0.91 34.31
CA PHE C 169 15.53 2.32 34.28
C PHE C 169 14.30 3.21 34.45
N LEU C 170 14.47 4.33 35.12
CA LEU C 170 13.42 5.36 35.14
C LEU C 170 13.49 6.17 33.85
N ALA C 171 12.34 6.57 33.33
CA ALA C 171 12.21 7.52 32.22
C ALA C 171 11.67 8.85 32.78
N VAL C 172 12.31 9.95 32.41
CA VAL C 172 11.91 11.30 32.92
C VAL C 172 12.01 12.35 31.82
N HIS C 173 11.24 13.38 32.05
CA HIS C 173 11.12 14.50 31.10
C HIS C 173 11.51 15.80 31.83
N TRP C 174 12.03 16.74 31.08
CA TRP C 174 12.25 18.11 31.61
C TRP C 174 12.03 19.11 30.48
N HIS C 175 11.14 20.06 30.69
CA HIS C 175 10.94 21.20 29.76
C HIS C 175 11.01 22.47 30.60
N GLY C 176 11.75 23.46 30.15
CA GLY C 176 11.78 24.75 30.86
C GLY C 176 12.66 25.72 30.11
N PRO C 177 12.63 27.00 30.46
CA PRO C 177 13.58 27.94 29.88
C PRO C 177 15.06 27.52 29.91
N SER C 178 15.80 27.83 28.85
CA SER C 178 17.25 27.52 28.71
C SER C 178 18.06 28.06 29.90
N GLY C 179 17.65 29.19 30.53
CA GLY C 179 18.41 29.75 31.66
C GLY C 179 18.29 28.91 32.91
N ASN C 180 17.37 27.93 32.88
CA ASN C 180 16.93 27.08 34.00
C ASN C 180 17.76 25.79 33.90
N VAL C 181 18.89 25.83 33.22
CA VAL C 181 19.78 24.64 33.00
C VAL C 181 20.24 24.03 34.33
N ASP C 182 20.48 24.81 35.42
CA ASP C 182 20.97 24.18 36.66
C ASP C 182 19.84 23.31 37.27
N ASP C 183 18.61 23.75 37.11
CA ASP C 183 17.43 22.98 37.51
C ASP C 183 17.35 21.69 36.69
N PHE C 184 17.67 21.75 35.40
CA PHE C 184 17.66 20.52 34.57
C PHE C 184 18.58 19.52 35.21
N LYS C 185 19.81 19.92 35.50
CA LYS C 185 20.80 19.04 36.13
C LYS C 185 20.30 18.50 37.48
N ARG C 186 19.72 19.37 38.30
CA ARG C 186 19.27 18.97 39.65
C ARG C 186 18.11 17.97 39.56
N TYR C 187 17.23 18.19 38.60
CA TYR C 187 16.06 17.29 38.41
C TYR C 187 16.57 15.91 37.98
N VAL C 188 17.50 15.89 37.03
CA VAL C 188 18.02 14.59 36.52
C VAL C 188 18.73 13.88 37.66
N SER C 189 19.49 14.64 38.44
CA SER C 189 20.22 14.09 39.60
C SER C 189 19.25 13.52 40.61
N GLU C 190 18.17 14.27 40.90
CA GLU C 190 17.14 13.80 41.83
C GLU C 190 16.50 12.51 41.32
N ALA C 191 16.25 12.44 40.02
CA ALA C 191 15.64 11.24 39.41
C ALA C 191 16.56 10.06 39.64
N ILE C 192 17.84 10.25 39.35
CA ILE C 192 18.82 9.18 39.58
C ILE C 192 18.76 8.74 41.07
N ALA C 193 18.79 9.69 42.02
CA ALA C 193 18.75 9.32 43.45
C ALA C 193 17.45 8.61 43.79
N LEU C 194 16.32 9.01 43.21
CA LEU C 194 15.03 8.34 43.45
C LEU C 194 15.15 6.88 42.99
N GLY C 195 15.67 6.64 41.80
CA GLY C 195 15.80 5.26 41.31
C GLY C 195 16.60 4.42 42.30
N GLN C 196 17.70 4.98 42.80
CA GLN C 196 18.63 4.23 43.70
C GLN C 196 17.93 3.86 45.00
N LYS C 197 17.04 4.73 45.44
CA LYS C 197 16.23 4.45 46.66
C LYS C 197 15.46 3.13 46.44
N TYR C 198 15.06 2.83 45.19
CA TYR C 198 14.15 1.71 44.86
C TYR C 198 14.86 0.63 44.04
N GLY C 199 16.21 0.61 44.05
CA GLY C 199 17.02 -0.44 43.38
C GLY C 199 17.08 -0.34 41.87
N ILE C 200 16.80 0.82 41.34
CA ILE C 200 16.83 1.13 39.88
C ILE C 200 18.03 2.09 39.64
N GLY C 201 19.05 1.58 38.98
CA GLY C 201 20.39 2.17 38.92
C GLY C 201 20.58 3.20 37.82
N THR C 202 19.57 3.58 37.03
CA THR C 202 19.88 4.43 35.86
C THR C 202 18.57 5.02 35.34
N VAL C 203 18.71 6.11 34.62
CA VAL C 203 17.57 6.84 34.05
C VAL C 203 17.83 7.08 32.56
N TRP C 204 16.73 7.20 31.83
CA TRP C 204 16.76 7.78 30.49
C TRP C 204 16.02 9.11 30.57
N VAL C 205 16.58 10.14 29.99
CA VAL C 205 15.87 11.44 29.89
C VAL C 205 15.23 11.44 28.48
N THR C 206 14.01 10.95 28.37
CA THR C 206 13.41 10.63 27.05
C THR C 206 12.82 11.88 26.42
N GLU C 207 12.64 12.96 27.17
CA GLU C 207 12.40 14.30 26.58
C GLU C 207 13.14 15.34 27.40
N PHE C 208 13.86 16.26 26.73
CA PHE C 208 14.32 17.49 27.42
C PHE C 208 14.31 18.56 26.36
N GLU C 209 13.93 19.74 26.84
CA GLU C 209 13.79 20.92 25.96
C GLU C 209 14.21 22.14 26.77
N GLY C 210 15.35 22.73 26.41
CA GLY C 210 15.75 24.05 26.89
C GLY C 210 15.18 25.08 25.95
N GLN C 211 14.19 25.82 26.42
CA GLN C 211 13.31 26.71 25.65
C GLN C 211 13.93 28.11 25.48
N GLY C 212 13.71 28.66 24.31
CA GLY C 212 14.06 30.05 24.02
C GLY C 212 14.31 30.23 22.53
N ASP C 213 15.00 31.30 22.13
CA ASP C 213 15.33 31.48 20.68
C ASP C 213 16.32 30.39 20.22
N GLU C 214 16.61 30.30 18.91
CA GLU C 214 17.54 29.27 18.38
C GLU C 214 18.90 29.39 19.08
N GLU C 215 19.50 30.59 19.22
CA GLU C 215 20.81 30.71 19.92
C GLU C 215 20.73 30.17 21.35
N ALA C 216 19.64 30.46 22.07
CA ALA C 216 19.48 30.08 23.48
C ALA C 216 19.40 28.55 23.50
N GLN C 217 18.61 27.99 22.57
CA GLN C 217 18.43 26.51 22.44
C GLN C 217 19.79 25.86 22.20
N VAL C 218 20.56 26.39 21.27
CA VAL C 218 21.88 25.84 20.91
C VAL C 218 22.79 25.93 22.13
N ASN C 219 22.75 27.06 22.87
CA ASN C 219 23.69 27.21 24.01
C ASN C 219 23.33 26.18 25.09
N PHE C 220 22.03 25.95 25.27
CA PHE C 220 21.55 24.92 26.22
C PHE C 220 22.16 23.59 25.84
N LEU C 221 22.02 23.20 24.57
CA LEU C 221 22.57 21.90 24.11
C LEU C 221 24.09 21.85 24.32
N LYS C 222 24.81 22.98 24.11
CA LYS C 222 26.29 22.94 24.28
C LYS C 222 26.63 22.66 25.72
N GLU C 223 25.80 23.08 26.66
CA GLU C 223 26.03 22.78 28.11
C GLU C 223 25.54 21.36 28.49
N VAL C 224 24.32 20.98 28.08
CA VAL C 224 23.76 19.73 28.67
C VAL C 224 24.21 18.49 27.90
N LEU C 225 24.53 18.54 26.62
CA LEU C 225 24.89 17.33 25.89
C LEU C 225 26.14 16.74 26.49
N PRO C 226 27.23 17.51 26.69
CA PRO C 226 28.44 16.93 27.32
C PRO C 226 28.18 16.41 28.74
N TRP C 227 27.35 17.13 29.48
CA TRP C 227 27.04 16.77 30.88
C TRP C 227 26.26 15.42 30.92
N LEU C 228 25.31 15.27 30.02
CA LEU C 228 24.55 13.99 29.94
C LEU C 228 25.50 12.88 29.47
N ASP C 229 26.36 13.18 28.47
CA ASP C 229 27.23 12.14 27.87
C ASP C 229 28.19 11.60 28.94
N SER C 230 28.60 12.46 29.88
CA SER C 230 29.56 12.06 30.95
C SER C 230 28.89 11.64 32.26
N ASN C 231 27.55 11.67 32.36
CA ASN C 231 26.77 11.33 33.57
C ASN C 231 26.50 9.83 33.62
N ALA C 232 27.17 9.11 34.51
CA ALA C 232 27.09 7.65 34.57
C ALA C 232 25.69 7.18 34.97
N GLY C 233 24.88 8.03 35.57
CA GLY C 233 23.49 7.68 35.89
C GLY C 233 22.51 7.83 34.76
N VAL C 234 22.94 8.38 33.66
CA VAL C 234 22.05 8.57 32.48
C VAL C 234 22.53 7.60 31.39
N GLU C 235 21.71 6.62 31.03
N GLU C 235 21.71 6.63 31.04
CA GLU C 235 22.05 5.61 30.00
CA GLU C 235 22.05 5.65 29.98
C GLU C 235 21.74 6.18 28.62
C GLU C 235 21.77 6.24 28.61
N ARG C 236 20.66 6.97 28.49
CA ARG C 236 20.17 7.39 27.15
C ARG C 236 19.40 8.68 27.34
N TYR C 237 19.28 9.44 26.27
CA TYR C 237 18.46 10.67 26.32
C TYR C 237 18.02 11.10 24.92
N ALA C 238 17.01 11.93 24.82
CA ALA C 238 16.54 12.48 23.55
C ALA C 238 16.07 13.89 23.75
N SER C 239 16.66 14.82 23.01
CA SER C 239 16.15 16.22 22.97
C SER C 239 14.81 16.22 22.23
N PHE C 240 13.96 17.14 22.62
CA PHE C 240 12.58 17.25 22.15
C PHE C 240 12.57 18.30 21.04
N PHE C 241 12.33 17.92 19.77
CA PHE C 241 12.26 16.55 19.24
C PHE C 241 12.53 16.67 17.74
N VAL C 242 12.80 15.59 17.07
CA VAL C 242 13.27 15.61 15.66
C VAL C 242 12.44 16.58 14.81
N ASP C 243 11.11 16.51 14.84
CA ASP C 243 10.32 17.17 13.77
C ASP C 243 10.45 18.68 13.94
N ASN C 244 10.84 19.14 15.13
CA ASN C 244 11.08 20.60 15.37
C ASN C 244 12.48 21.00 14.92
N LEU C 245 13.40 20.05 14.70
CA LEU C 245 14.83 20.33 14.42
C LEU C 245 15.07 20.28 12.90
N VAL C 246 14.05 19.96 12.12
CA VAL C 246 14.11 19.89 10.63
C VAL C 246 13.03 20.79 10.00
N LYS C 247 13.44 21.61 9.04
CA LYS C 247 12.53 22.56 8.34
C LYS C 247 12.89 22.55 6.85
N GLY C 248 11.92 22.32 5.98
CA GLY C 248 12.13 22.29 4.52
C GLY C 248 13.27 21.35 4.11
N GLY C 249 13.37 20.20 4.76
CA GLY C 249 14.34 19.14 4.43
C GLY C 249 15.72 19.37 5.02
N ALA C 250 15.96 20.48 5.72
CA ALA C 250 17.30 20.88 6.22
C ALA C 250 17.26 20.96 7.75
N LEU C 251 18.31 20.48 8.40
CA LEU C 251 18.46 20.70 9.86
C LEU C 251 18.36 22.21 10.10
N THR C 252 17.64 22.62 11.13
CA THR C 252 17.75 24.00 11.67
C THR C 252 19.12 24.15 12.35
N SER C 253 19.47 25.34 12.84
CA SER C 253 20.74 25.49 13.59
C SER C 253 20.73 24.63 14.87
N VAL C 254 19.54 24.46 15.45
CA VAL C 254 19.41 23.64 16.67
C VAL C 254 19.60 22.17 16.28
N GLY C 255 18.97 21.76 15.18
CA GLY C 255 19.18 20.38 14.69
C GLY C 255 20.66 20.11 14.38
N LYS C 256 21.37 21.08 13.80
CA LYS C 256 22.82 20.88 13.52
C LYS C 256 23.57 20.69 14.83
N ALA C 257 23.25 21.49 15.85
CA ALA C 257 23.89 21.39 17.17
C ALA C 257 23.66 19.99 17.73
N TYR C 258 22.44 19.49 17.61
CA TYR C 258 22.12 18.21 18.24
C TYR C 258 22.88 17.12 17.49
N LYS C 259 23.01 17.26 16.17
CA LYS C 259 23.69 16.23 15.33
C LYS C 259 25.19 16.21 15.58
N THR C 260 25.80 17.30 16.04
CA THR C 260 27.26 17.53 15.91
C THR C 260 27.94 17.59 17.28
N ILE C 261 27.31 18.15 18.32
CA ILE C 261 28.00 18.45 19.61
C ILE C 261 28.51 17.15 20.24
N GLY D 32 0.89 -17.65 14.82
CA GLY D 32 2.03 -18.58 14.58
C GLY D 32 3.39 -17.93 14.82
N SER D 33 4.42 -18.36 14.05
CA SER D 33 5.85 -17.97 14.14
C SER D 33 6.04 -16.51 13.68
N GLY D 34 5.15 -15.98 12.85
CA GLY D 34 5.40 -14.67 12.24
C GLY D 34 6.12 -14.84 10.91
N LYS D 35 6.47 -16.06 10.48
CA LYS D 35 7.30 -16.24 9.27
C LYS D 35 6.47 -16.46 7.99
N ARG D 36 5.23 -16.92 8.08
CA ARG D 36 4.52 -17.49 6.93
C ARG D 36 3.94 -16.39 6.01
N GLY D 37 4.19 -16.48 4.70
CA GLY D 37 3.75 -15.48 3.74
C GLY D 37 2.78 -15.98 2.69
N LEU D 38 2.14 -15.03 2.04
CA LEU D 38 1.14 -15.31 0.98
C LEU D 38 1.68 -14.78 -0.36
N ALA D 39 2.11 -15.70 -1.23
CA ALA D 39 2.64 -15.39 -2.57
C ALA D 39 1.50 -15.57 -3.59
N TYR D 40 1.10 -14.49 -4.23
CA TYR D 40 -0.20 -14.46 -4.95
C TYR D 40 -0.02 -13.87 -6.33
N ASN D 41 -1.02 -14.18 -7.17
CA ASN D 41 -1.31 -13.40 -8.41
C ASN D 41 -2.67 -12.73 -8.27
N ASN D 42 -3.72 -13.49 -7.99
CA ASN D 42 -5.06 -12.90 -7.79
C ASN D 42 -5.19 -12.45 -6.35
N ILE D 43 -5.17 -11.16 -6.14
CA ILE D 43 -5.31 -10.55 -4.79
C ILE D 43 -6.63 -10.98 -4.13
N ASN D 44 -7.65 -11.34 -4.90
CA ASN D 44 -8.99 -11.64 -4.33
C ASN D 44 -8.92 -12.98 -3.62
N LEU D 45 -7.91 -13.80 -3.86
CA LEU D 45 -7.80 -15.12 -3.19
C LEU D 45 -7.20 -15.00 -1.81
N LEU D 46 -6.60 -13.85 -1.46
CA LEU D 46 -6.02 -13.72 -0.09
C LEU D 46 -7.09 -13.80 1.01
N THR D 47 -8.34 -13.39 0.72
CA THR D 47 -9.43 -13.42 1.74
C THR D 47 -9.62 -14.88 2.25
N ALA D 48 -9.37 -15.92 1.44
CA ALA D 48 -9.49 -17.32 1.90
C ALA D 48 -8.54 -17.58 3.07
N PHE D 49 -7.47 -16.77 3.24
CA PHE D 49 -6.42 -17.03 4.26
C PHE D 49 -6.54 -16.08 5.46
N GLU D 50 -7.49 -15.17 5.44
CA GLU D 50 -7.61 -14.08 6.45
C GLU D 50 -7.80 -14.73 7.82
N GLY D 51 -7.10 -14.24 8.86
CA GLY D 51 -7.11 -14.78 10.24
C GLY D 51 -6.04 -15.82 10.46
N GLY D 52 -5.45 -16.32 9.40
CA GLY D 52 -4.36 -17.29 9.48
C GLY D 52 -3.09 -16.64 10.03
N PRO D 53 -2.04 -17.48 10.23
CA PRO D 53 -0.77 -17.05 10.80
C PRO D 53 0.12 -16.46 9.69
N PHE D 54 -0.37 -15.40 9.05
CA PHE D 54 0.27 -14.75 7.89
C PHE D 54 0.67 -13.30 8.23
N SER D 55 1.93 -12.92 8.00
CA SER D 55 2.44 -11.57 8.35
C SER D 55 2.73 -10.79 7.08
N TRP D 56 2.79 -11.47 5.92
CA TRP D 56 3.38 -10.79 4.75
C TRP D 56 2.93 -11.42 3.45
N SER D 57 3.00 -10.64 2.38
CA SER D 57 2.61 -11.12 1.05
C SER D 57 3.61 -10.62 -0.01
N TYR D 58 3.63 -11.26 -1.18
CA TYR D 58 4.29 -10.67 -2.36
C TYR D 58 3.62 -11.28 -3.61
N ASN D 59 3.82 -10.65 -4.76
CA ASN D 59 3.15 -11.11 -5.99
C ASN D 59 4.08 -11.07 -7.21
N TRP D 60 5.42 -11.09 -7.01
CA TRP D 60 6.40 -11.14 -8.11
C TRP D 60 6.29 -9.85 -8.91
N GLU D 61 5.61 -8.83 -8.38
CA GLU D 61 5.45 -7.52 -9.07
C GLU D 61 5.93 -6.43 -8.13
N PRO D 62 6.17 -5.22 -8.65
CA PRO D 62 6.50 -4.10 -7.79
C PRO D 62 5.33 -3.44 -7.04
N ARG D 63 4.12 -3.69 -7.51
CA ARG D 63 2.89 -3.07 -6.98
C ARG D 63 1.89 -4.17 -6.63
N PRO D 64 1.12 -3.97 -5.55
CA PRO D 64 0.29 -5.05 -5.00
C PRO D 64 -0.97 -5.40 -5.82
N GLY D 65 -1.43 -4.51 -6.70
CA GLY D 65 -2.66 -4.75 -7.49
C GLY D 65 -3.92 -4.55 -6.65
N GLY D 66 -3.77 -3.79 -5.58
CA GLY D 66 -4.86 -3.39 -4.68
C GLY D 66 -4.34 -3.20 -3.28
N TYR D 67 -5.21 -3.43 -2.31
CA TYR D 67 -4.88 -3.31 -0.89
C TYR D 67 -5.44 -4.50 -0.14
N THR D 68 -4.62 -5.05 0.75
CA THR D 68 -5.07 -6.09 1.66
C THR D 68 -4.76 -5.64 3.11
N ALA D 69 -5.79 -5.51 3.93
CA ALA D 69 -5.62 -5.05 5.32
C ALA D 69 -4.86 -6.10 6.15
N GLY D 70 -3.93 -5.63 6.99
CA GLY D 70 -3.33 -6.40 8.10
C GLY D 70 -2.14 -7.30 7.72
N ILE D 71 -1.59 -7.10 6.53
CA ILE D 71 -0.55 -7.96 5.89
C ILE D 71 0.50 -6.98 5.36
N GLU D 72 1.77 -7.24 5.60
CA GLU D 72 2.83 -6.42 4.97
C GLU D 72 3.02 -6.86 3.52
N TYR D 73 2.72 -5.96 2.57
CA TYR D 73 3.07 -6.27 1.17
C TYR D 73 4.56 -5.99 0.94
N VAL D 74 5.26 -6.90 0.25
CA VAL D 74 6.72 -6.74 -0.06
C VAL D 74 6.85 -6.59 -1.57
N PRO D 75 7.16 -5.37 -2.09
CA PRO D 75 7.48 -5.14 -3.49
C PRO D 75 8.69 -5.93 -4.01
N MET D 76 8.64 -6.35 -5.27
CA MET D 76 9.72 -7.10 -5.92
C MET D 76 10.13 -6.31 -7.15
N LEU D 77 11.43 -6.15 -7.30
CA LEU D 77 12.08 -5.72 -8.55
C LEU D 77 12.39 -7.01 -9.31
N TRP D 78 11.51 -7.40 -10.24
CA TRP D 78 11.50 -8.79 -10.79
C TRP D 78 12.69 -9.03 -11.69
N GLY D 79 13.11 -8.00 -12.41
CA GLY D 79 14.14 -8.11 -13.45
C GLY D 79 14.21 -6.84 -14.24
N PRO D 80 14.98 -6.84 -15.33
CA PRO D 80 15.15 -5.65 -16.16
C PRO D 80 13.87 -4.91 -16.62
N ARG D 81 12.80 -5.63 -16.93
CA ARG D 81 11.48 -5.02 -17.31
C ARG D 81 11.04 -4.02 -16.24
N GLY D 82 11.46 -4.18 -14.98
CA GLY D 82 11.02 -3.35 -13.84
C GLY D 82 11.79 -2.05 -13.66
N TYR D 83 12.94 -1.84 -14.28
CA TYR D 83 13.85 -0.74 -13.91
C TYR D 83 13.21 0.64 -14.16
N GLY D 84 12.45 0.77 -15.24
CA GLY D 84 11.79 2.05 -15.59
C GLY D 84 10.93 2.60 -14.46
N SER D 85 10.20 1.78 -13.71
CA SER D 85 9.21 2.26 -12.74
C SER D 85 9.70 2.05 -11.30
N TRP D 86 10.86 1.41 -11.12
CA TRP D 86 11.23 0.84 -9.81
C TRP D 86 11.37 1.93 -8.75
N ASN D 87 12.05 3.03 -9.02
CA ASN D 87 12.23 4.08 -7.97
C ASN D 87 10.83 4.47 -7.44
N ALA D 88 9.89 4.80 -8.33
CA ALA D 88 8.52 5.20 -8.00
C ALA D 88 7.84 4.10 -7.17
N ASP D 89 7.99 2.85 -7.63
CA ASP D 89 7.33 1.68 -7.04
C ASP D 89 7.86 1.50 -5.61
N ALA D 90 9.16 1.59 -5.44
CA ALA D 90 9.79 1.36 -4.13
C ALA D 90 9.32 2.45 -3.19
N GLU D 91 9.40 3.71 -3.63
CA GLU D 91 8.98 4.86 -2.79
C GLU D 91 7.52 4.64 -2.38
N ALA D 92 6.65 4.19 -3.27
CA ALA D 92 5.21 4.05 -2.95
C ALA D 92 5.05 2.96 -1.91
N GLY D 93 5.72 1.83 -2.13
CA GLY D 93 5.68 0.71 -1.17
C GLY D 93 6.12 1.17 0.20
N ILE D 94 7.21 1.92 0.28
CA ILE D 94 7.77 2.39 1.58
C ILE D 94 6.75 3.33 2.25
N ALA D 95 6.19 4.26 1.50
CA ALA D 95 5.14 5.18 2.01
C ALA D 95 3.91 4.41 2.49
N ALA D 96 3.56 3.24 1.96
CA ALA D 96 2.36 2.47 2.34
C ALA D 96 2.70 1.42 3.43
N GLY D 97 3.91 1.44 4.00
CA GLY D 97 4.28 0.67 5.20
C GLY D 97 5.15 -0.54 4.88
N SER D 98 5.47 -0.82 3.60
CA SER D 98 6.41 -1.92 3.26
C SER D 98 7.74 -1.59 3.95
N LYS D 99 8.37 -2.58 4.60
CA LYS D 99 9.65 -2.48 5.35
C LYS D 99 10.72 -3.39 4.75
N ASN D 100 10.38 -4.03 3.65
CA ASN D 100 11.31 -4.93 2.96
C ASN D 100 11.07 -4.80 1.45
N LEU D 101 12.09 -5.06 0.67
CA LEU D 101 12.07 -5.03 -0.80
C LEU D 101 12.82 -6.28 -1.29
N LEU D 102 12.31 -6.91 -2.31
CA LEU D 102 12.93 -8.13 -2.88
C LEU D 102 13.53 -7.81 -4.27
N ALA D 103 14.69 -8.35 -4.59
CA ALA D 103 15.31 -8.20 -5.93
C ALA D 103 14.94 -9.36 -6.86
N PHE D 104 15.72 -9.56 -7.90
CA PHE D 104 15.28 -10.21 -9.15
C PHE D 104 14.86 -11.66 -8.93
N ASN D 105 13.85 -12.06 -9.68
CA ASN D 105 13.26 -13.43 -9.61
C ASN D 105 14.04 -14.36 -10.52
N GLU D 106 14.77 -15.31 -9.98
CA GLU D 106 15.44 -16.43 -10.68
C GLU D 106 16.27 -15.87 -11.84
N PRO D 107 17.22 -14.98 -11.55
CA PRO D 107 18.12 -14.48 -12.59
C PRO D 107 18.99 -15.61 -13.17
N ASP D 108 19.10 -16.73 -12.44
CA ASP D 108 19.79 -17.94 -12.91
C ASP D 108 18.97 -18.69 -13.96
N ILE D 109 17.72 -18.33 -14.24
CA ILE D 109 16.84 -19.11 -15.15
C ILE D 109 16.54 -18.27 -16.37
N ALA D 110 16.77 -18.80 -17.57
CA ALA D 110 16.66 -17.99 -18.81
C ALA D 110 15.21 -17.58 -19.07
N SER D 111 14.24 -18.33 -18.59
CA SER D 111 12.80 -18.01 -18.79
C SER D 111 12.28 -17.07 -17.70
N GLN D 112 13.15 -16.70 -16.73
CA GLN D 112 12.77 -15.78 -15.63
C GLN D 112 13.68 -14.55 -15.81
N ALA D 113 14.24 -14.00 -14.73
CA ALA D 113 14.87 -12.69 -14.84
C ALA D 113 16.10 -12.79 -15.77
N ASN D 114 16.78 -13.93 -15.87
CA ASN D 114 17.80 -14.17 -16.94
C ASN D 114 18.89 -13.09 -16.92
N MET D 115 19.66 -13.08 -15.83
CA MET D 115 20.71 -12.05 -15.64
C MET D 115 21.99 -12.73 -15.24
N SER D 116 23.10 -12.26 -15.78
CA SER D 116 24.44 -12.69 -15.32
C SER D 116 24.66 -12.22 -13.90
N PRO D 117 25.47 -12.94 -13.13
CA PRO D 117 25.87 -12.43 -11.80
C PRO D 117 26.43 -10.99 -11.84
N GLU D 118 27.25 -10.67 -12.83
N GLU D 118 27.24 -10.64 -12.83
CA GLU D 118 27.83 -9.32 -12.99
CA GLU D 118 27.85 -9.29 -12.88
C GLU D 118 26.68 -8.35 -13.22
C GLU D 118 26.77 -8.27 -13.31
N ALA D 119 25.79 -8.63 -14.14
CA ALA D 119 24.68 -7.72 -14.46
C ALA D 119 23.88 -7.47 -13.16
N ALA D 120 23.55 -8.52 -12.41
CA ALA D 120 22.66 -8.39 -11.24
C ALA D 120 23.40 -7.58 -10.16
N ALA D 121 24.69 -7.80 -9.97
CA ALA D 121 25.44 -7.06 -8.93
C ALA D 121 25.41 -5.57 -9.26
N ALA D 122 25.59 -5.17 -10.53
CA ALA D 122 25.56 -3.75 -10.87
C ALA D 122 24.13 -3.21 -10.68
N ALA D 123 23.13 -3.93 -11.19
CA ALA D 123 21.73 -3.47 -11.09
C ALA D 123 21.24 -3.43 -9.64
N TYR D 124 21.72 -4.35 -8.80
CA TYR D 124 21.36 -4.34 -7.36
C TYR D 124 21.88 -3.03 -6.74
N GLN D 125 23.13 -2.69 -7.01
CA GLN D 125 23.80 -1.49 -6.43
C GLN D 125 23.08 -0.25 -6.94
N LYS D 126 22.60 -0.25 -8.20
CA LYS D 126 21.88 0.93 -8.72
C LYS D 126 20.47 1.06 -8.15
N TYR D 127 19.73 -0.02 -8.07
CA TYR D 127 18.27 0.04 -7.84
C TYR D 127 17.85 -0.39 -6.43
N MET D 128 18.62 -1.25 -5.75
CA MET D 128 18.23 -1.75 -4.43
C MET D 128 18.94 -0.97 -3.32
N ASN D 129 20.26 -0.82 -3.44
CA ASN D 129 21.09 -0.11 -2.41
C ASN D 129 20.51 1.21 -1.94
N PRO D 130 19.96 2.09 -2.81
CA PRO D 130 19.46 3.37 -2.32
C PRO D 130 18.38 3.30 -1.24
N TYR D 131 17.69 2.18 -1.10
CA TYR D 131 16.55 1.98 -0.20
C TYR D 131 17.00 1.32 1.11
N ALA D 132 18.29 0.98 1.28
CA ALA D 132 18.72 0.23 2.50
C ALA D 132 18.46 1.03 3.78
N ALA D 133 18.49 2.35 3.75
CA ALA D 133 18.27 3.12 4.98
C ALA D 133 16.82 2.95 5.47
N ARG D 134 15.86 2.65 4.56
CA ARG D 134 14.42 2.64 4.88
C ARG D 134 13.75 1.30 4.65
N ALA D 135 14.47 0.26 4.27
CA ALA D 135 13.88 -1.06 4.02
C ALA D 135 14.99 -2.07 4.13
N ARG D 136 14.65 -3.25 4.62
CA ARG D 136 15.55 -4.41 4.59
C ARG D 136 15.50 -4.99 3.18
N LEU D 137 16.64 -5.37 2.65
CA LEU D 137 16.77 -5.70 1.23
C LEU D 137 17.11 -7.16 1.03
N GLY D 138 16.33 -7.82 0.21
CA GLY D 138 16.51 -9.23 -0.19
C GLY D 138 17.32 -9.40 -1.44
N SER D 139 18.15 -10.40 -1.42
CA SER D 139 18.97 -10.74 -2.61
C SER D 139 18.03 -11.11 -3.76
N PRO D 140 18.57 -11.21 -4.96
CA PRO D 140 17.86 -11.90 -6.02
C PRO D 140 17.61 -13.33 -5.54
N ALA D 141 16.48 -13.88 -5.94
CA ALA D 141 16.01 -15.23 -5.55
C ALA D 141 16.46 -16.24 -6.59
N VAL D 142 17.29 -17.18 -6.22
CA VAL D 142 17.76 -18.25 -7.14
C VAL D 142 16.87 -19.50 -7.04
N SER D 143 16.90 -20.26 -8.12
CA SER D 143 16.26 -21.60 -8.17
C SER D 143 17.04 -22.58 -7.31
N ASN D 144 16.56 -23.83 -7.27
CA ASN D 144 17.33 -24.90 -6.61
C ASN D 144 18.05 -25.73 -7.66
N GLY D 145 18.37 -25.17 -8.82
CA GLY D 145 19.21 -25.88 -9.81
C GLY D 145 20.62 -26.11 -9.33
N ALA D 146 21.31 -27.13 -9.86
CA ALA D 146 22.73 -27.32 -9.52
C ALA D 146 23.58 -26.18 -10.10
N PRO D 147 24.70 -25.87 -9.40
CA PRO D 147 25.69 -24.95 -9.92
C PRO D 147 26.01 -25.31 -11.37
N PRO D 148 26.24 -24.33 -12.28
CA PRO D 148 26.38 -22.91 -11.98
C PRO D 148 25.09 -22.11 -11.78
N LYS D 149 23.94 -22.79 -11.78
CA LYS D 149 22.64 -22.12 -11.47
C LYS D 149 22.45 -22.22 -9.96
N GLY D 150 21.30 -21.77 -9.46
CA GLY D 150 20.93 -21.89 -8.06
C GLY D 150 21.94 -21.22 -7.12
N LEU D 151 22.38 -21.90 -6.05
CA LEU D 151 23.38 -21.30 -5.12
C LEU D 151 24.77 -21.09 -5.77
N GLY D 152 25.10 -21.73 -6.89
CA GLY D 152 26.31 -21.42 -7.69
C GLY D 152 26.20 -20.01 -8.23
N TRP D 153 25.05 -19.70 -8.78
CA TRP D 153 24.80 -18.32 -9.30
C TRP D 153 24.89 -17.34 -8.13
N MET D 154 24.21 -17.66 -7.04
CA MET D 154 24.22 -16.78 -5.84
C MET D 154 25.66 -16.48 -5.41
N GLN D 155 26.50 -17.49 -5.36
CA GLN D 155 27.87 -17.26 -4.87
C GLN D 155 28.59 -16.38 -5.90
N GLY D 156 28.37 -16.63 -7.19
CA GLY D 156 28.93 -15.78 -8.24
C GLY D 156 28.53 -14.31 -8.04
N PHE D 157 27.26 -14.08 -7.75
CA PHE D 157 26.67 -12.73 -7.59
C PHE D 157 27.32 -12.06 -6.36
N LEU D 158 27.45 -12.85 -5.28
CA LEU D 158 28.00 -12.29 -4.01
C LEU D 158 29.50 -11.97 -4.19
N ASP D 159 30.20 -12.70 -5.05
CA ASP D 159 31.61 -12.35 -5.40
C ASP D 159 31.62 -11.05 -6.22
N VAL D 160 30.81 -10.91 -7.27
CA VAL D 160 30.88 -9.66 -8.11
C VAL D 160 30.47 -8.45 -7.26
N CYS D 161 29.51 -8.63 -6.35
CA CYS D 161 29.11 -7.55 -5.42
C CYS D 161 30.35 -6.98 -4.72
N ALA D 162 31.28 -7.84 -4.35
CA ALA D 162 32.56 -7.45 -3.70
C ALA D 162 32.33 -6.49 -2.53
N GLY D 163 31.33 -6.79 -1.69
CA GLY D 163 31.04 -5.99 -0.48
C GLY D 163 30.19 -4.78 -0.73
N ASN D 164 29.84 -4.46 -1.99
CA ASN D 164 29.14 -3.21 -2.30
C ASN D 164 27.61 -3.39 -2.33
N CYS D 165 27.10 -4.59 -2.30
CA CYS D 165 25.62 -4.81 -2.35
C CYS D 165 25.08 -4.84 -0.90
N LYS D 166 24.13 -3.98 -0.59
CA LYS D 166 23.54 -3.93 0.78
C LYS D 166 22.46 -4.99 0.81
N ILE D 167 22.76 -6.14 1.42
CA ILE D 167 21.84 -7.30 1.46
C ILE D 167 21.59 -7.67 2.91
N ASP D 168 20.34 -7.65 3.30
CA ASP D 168 19.92 -8.03 4.66
C ASP D 168 19.63 -9.52 4.74
N PHE D 169 19.17 -10.15 3.67
CA PHE D 169 18.78 -11.59 3.69
C PHE D 169 18.89 -12.12 2.26
N LEU D 170 19.27 -13.40 2.12
CA LEU D 170 19.18 -14.11 0.84
C LEU D 170 17.72 -14.54 0.62
N ALA D 171 17.29 -14.55 -0.64
CA ALA D 171 16.01 -15.12 -1.07
C ALA D 171 16.32 -16.37 -1.88
N VAL D 172 15.64 -17.46 -1.59
CA VAL D 172 15.88 -18.75 -2.28
C VAL D 172 14.58 -19.49 -2.57
N HIS D 173 14.64 -20.38 -3.55
CA HIS D 173 13.46 -21.14 -4.01
C HIS D 173 13.81 -22.64 -3.97
N TRP D 174 12.87 -23.52 -3.61
CA TRP D 174 13.04 -25.00 -3.77
C TRP D 174 11.74 -25.61 -4.25
N HIS D 175 11.78 -26.31 -5.37
CA HIS D 175 10.61 -27.08 -5.86
C HIS D 175 11.10 -28.51 -6.05
N GLY D 176 10.28 -29.48 -5.67
CA GLY D 176 10.70 -30.88 -5.82
C GLY D 176 9.53 -31.75 -5.44
N PRO D 177 9.69 -33.07 -5.56
CA PRO D 177 8.71 -34.01 -5.06
C PRO D 177 8.69 -34.04 -3.54
N SER D 178 7.50 -34.33 -3.04
CA SER D 178 7.23 -34.35 -1.59
C SER D 178 8.13 -35.34 -0.83
N GLY D 179 8.62 -36.38 -1.48
CA GLY D 179 9.58 -37.35 -0.93
C GLY D 179 10.95 -36.80 -0.67
N ASN D 180 11.26 -35.61 -1.20
CA ASN D 180 12.64 -35.07 -1.13
C ASN D 180 12.77 -33.99 -0.05
N VAL D 181 12.24 -34.31 1.12
CA VAL D 181 12.37 -33.45 2.33
C VAL D 181 13.84 -33.29 2.70
N ASP D 182 14.63 -34.35 2.61
CA ASP D 182 16.05 -34.21 2.95
C ASP D 182 16.74 -33.21 2.00
N ASP D 183 16.40 -33.25 0.72
CA ASP D 183 17.05 -32.34 -0.26
C ASP D 183 16.62 -30.91 0.07
N PHE D 184 15.35 -30.73 0.40
CA PHE D 184 14.85 -29.36 0.73
C PHE D 184 15.64 -28.84 1.92
N LYS D 185 15.82 -29.68 2.94
CA LYS D 185 16.55 -29.19 4.14
C LYS D 185 18.01 -28.93 3.82
N ARG D 186 18.59 -29.76 2.99
CA ARG D 186 20.00 -29.60 2.57
C ARG D 186 20.14 -28.25 1.85
N TYR D 187 19.22 -27.97 0.94
CA TYR D 187 19.29 -26.73 0.13
C TYR D 187 19.18 -25.50 1.02
N VAL D 188 18.18 -25.49 1.90
CA VAL D 188 17.96 -24.31 2.80
C VAL D 188 19.21 -24.17 3.67
N SER D 189 19.70 -25.27 4.23
CA SER D 189 20.89 -25.12 5.11
C SER D 189 22.11 -24.59 4.33
N GLU D 190 22.28 -25.03 3.10
CA GLU D 190 23.39 -24.60 2.23
C GLU D 190 23.23 -23.08 1.99
N ALA D 191 22.00 -22.62 1.76
CA ALA D 191 21.77 -21.18 1.54
C ALA D 191 22.15 -20.36 2.75
N ILE D 192 21.76 -20.86 3.93
CA ILE D 192 22.10 -20.14 5.19
C ILE D 192 23.64 -20.11 5.36
N ALA D 193 24.33 -21.21 5.05
CA ALA D 193 25.80 -21.23 5.21
C ALA D 193 26.44 -20.26 4.23
N LEU D 194 25.88 -20.15 3.03
CA LEU D 194 26.45 -19.27 1.99
C LEU D 194 26.31 -17.83 2.46
N GLY D 195 25.13 -17.46 2.95
CA GLY D 195 24.91 -16.08 3.39
C GLY D 195 25.96 -15.75 4.43
N GLN D 196 26.20 -16.70 5.35
CA GLN D 196 27.11 -16.46 6.50
C GLN D 196 28.52 -16.11 6.02
N LYS D 197 28.94 -16.71 4.91
CA LYS D 197 30.28 -16.51 4.32
C LYS D 197 30.42 -15.04 3.87
N TYR D 198 29.30 -14.37 3.60
CA TYR D 198 29.28 -12.99 3.04
C TYR D 198 28.60 -12.04 4.02
N GLY D 199 28.50 -12.47 5.28
CA GLY D 199 27.99 -11.67 6.41
C GLY D 199 26.51 -11.40 6.33
N ILE D 200 25.78 -12.27 5.66
CA ILE D 200 24.28 -12.19 5.54
C ILE D 200 23.68 -13.31 6.40
N GLY D 201 22.95 -12.94 7.48
CA GLY D 201 22.68 -13.87 8.60
C GLY D 201 21.62 -14.88 8.26
N THR D 202 20.63 -14.41 7.48
CA THR D 202 19.36 -15.14 7.34
C THR D 202 18.86 -15.17 5.91
N VAL D 203 17.91 -16.05 5.71
CA VAL D 203 17.27 -16.26 4.38
C VAL D 203 15.75 -16.15 4.51
N TRP D 204 15.13 -15.85 3.38
CA TRP D 204 13.71 -16.09 3.15
C TRP D 204 13.58 -17.16 2.08
N VAL D 205 12.69 -18.13 2.28
CA VAL D 205 12.44 -19.15 1.26
C VAL D 205 11.20 -18.67 0.56
N THR D 206 11.35 -17.82 -0.41
CA THR D 206 10.21 -17.09 -0.99
C THR D 206 9.39 -17.95 -1.93
N GLU D 207 9.85 -19.14 -2.30
CA GLU D 207 9.00 -20.15 -2.95
C GLU D 207 9.44 -21.51 -2.45
N PHE D 208 8.53 -22.31 -1.96
CA PHE D 208 8.89 -23.75 -1.82
C PHE D 208 7.64 -24.54 -2.18
N GLU D 209 7.83 -25.74 -2.74
CA GLU D 209 6.73 -26.58 -3.22
C GLU D 209 7.18 -28.06 -3.13
N GLY D 210 6.49 -28.87 -2.33
CA GLY D 210 6.70 -30.33 -2.28
C GLY D 210 5.55 -30.97 -3.05
N GLN D 211 5.84 -31.37 -4.27
CA GLN D 211 4.81 -31.78 -5.24
C GLN D 211 4.29 -33.19 -4.90
N GLY D 212 3.07 -33.46 -5.26
CA GLY D 212 2.56 -34.84 -5.21
C GLY D 212 1.05 -34.83 -5.23
N ASP D 213 0.43 -35.96 -4.88
CA ASP D 213 -1.06 -35.98 -4.70
C ASP D 213 -1.36 -35.08 -3.50
N GLU D 214 -2.64 -34.73 -3.28
CA GLU D 214 -3.02 -33.77 -2.21
C GLU D 214 -2.49 -34.26 -0.85
N GLU D 215 -2.68 -35.52 -0.51
CA GLU D 215 -2.19 -36.07 0.78
C GLU D 215 -0.67 -35.95 0.85
N ALA D 216 0.03 -36.24 -0.24
CA ALA D 216 1.52 -36.13 -0.21
C ALA D 216 1.90 -34.67 0.03
N GLN D 217 1.18 -33.74 -0.58
CA GLN D 217 1.44 -32.30 -0.41
C GLN D 217 1.20 -31.90 1.04
N VAL D 218 0.09 -32.31 1.64
CA VAL D 218 -0.22 -31.96 3.05
C VAL D 218 0.81 -32.58 3.96
N ASN D 219 1.22 -33.83 3.74
CA ASN D 219 2.18 -34.46 4.68
C ASN D 219 3.57 -33.85 4.54
N PHE D 220 3.89 -33.28 3.36
CA PHE D 220 5.15 -32.51 3.21
C PHE D 220 5.09 -31.26 4.08
N LEU D 221 3.98 -30.52 4.08
CA LEU D 221 3.82 -29.29 4.87
C LEU D 221 3.90 -29.67 6.36
N LYS D 222 3.42 -30.87 6.72
CA LYS D 222 3.47 -31.28 8.15
C LYS D 222 4.91 -31.57 8.56
N GLU D 223 5.76 -32.02 7.65
CA GLU D 223 7.19 -32.22 7.95
C GLU D 223 7.96 -30.88 7.97
N VAL D 224 7.79 -30.05 6.95
CA VAL D 224 8.71 -28.90 6.73
C VAL D 224 8.23 -27.64 7.49
N LEU D 225 6.93 -27.43 7.72
CA LEU D 225 6.49 -26.13 8.32
C LEU D 225 7.07 -26.03 9.75
N PRO D 226 6.96 -27.04 10.62
CA PRO D 226 7.58 -26.91 11.93
C PRO D 226 9.10 -26.70 11.93
N TRP D 227 9.74 -27.31 10.95
CA TRP D 227 11.21 -27.22 10.78
C TRP D 227 11.58 -25.79 10.36
N LEU D 228 10.82 -25.24 9.41
CA LEU D 228 11.06 -23.83 9.05
C LEU D 228 10.76 -22.86 10.21
N ASP D 229 9.69 -23.10 10.97
CA ASP D 229 9.25 -22.19 12.06
C ASP D 229 10.33 -22.16 13.18
N SER D 230 11.07 -23.23 13.42
CA SER D 230 12.10 -23.20 14.49
C SER D 230 13.50 -22.98 13.92
N ASN D 231 13.67 -22.86 12.59
CA ASN D 231 15.02 -22.67 12.01
C ASN D 231 15.34 -21.17 12.12
N ALA D 232 16.26 -20.73 12.96
CA ALA D 232 16.52 -19.29 13.23
C ALA D 232 17.30 -18.69 12.05
N GLY D 233 17.74 -19.52 11.11
CA GLY D 233 18.35 -19.03 9.86
C GLY D 233 17.27 -18.60 8.86
N VAL D 234 16.03 -18.95 9.09
CA VAL D 234 14.92 -18.62 8.16
C VAL D 234 14.00 -17.57 8.79
N GLU D 235 14.01 -16.36 8.26
CA GLU D 235 13.16 -15.25 8.82
C GLU D 235 11.72 -15.40 8.31
N ARG D 236 11.57 -15.81 7.06
CA ARG D 236 10.24 -15.79 6.40
C ARG D 236 10.21 -16.87 5.32
N TYR D 237 9.04 -17.32 4.92
CA TYR D 237 8.89 -18.30 3.82
C TYR D 237 7.49 -18.20 3.24
N ALA D 238 7.30 -18.73 2.06
CA ALA D 238 5.99 -18.73 1.38
C ALA D 238 5.88 -20.00 0.57
N SER D 239 4.91 -20.84 0.87
CA SER D 239 4.64 -22.02 0.00
C SER D 239 4.11 -21.50 -1.35
N PHE D 240 4.44 -22.20 -2.41
CA PHE D 240 4.09 -21.85 -3.80
C PHE D 240 2.80 -22.58 -4.23
N PHE D 241 1.68 -21.85 -4.44
CA PHE D 241 1.46 -20.45 -4.11
C PHE D 241 -0.06 -20.29 -3.97
N VAL D 242 -0.52 -19.13 -3.50
CA VAL D 242 -1.95 -18.89 -3.16
C VAL D 242 -2.88 -19.42 -4.25
N ASP D 243 -2.66 -19.09 -5.51
CA ASP D 243 -3.72 -19.27 -6.52
C ASP D 243 -3.90 -20.77 -6.74
N ASN D 244 -2.96 -21.61 -6.33
CA ASN D 244 -3.06 -23.09 -6.51
C ASN D 244 -3.62 -23.71 -5.23
N LEU D 245 -3.72 -22.92 -4.15
CA LEU D 245 -4.16 -23.36 -2.80
C LEU D 245 -5.64 -22.95 -2.56
N VAL D 246 -6.26 -22.25 -3.53
CA VAL D 246 -7.65 -21.78 -3.48
C VAL D 246 -8.33 -22.25 -4.79
N LYS D 247 -9.45 -22.93 -4.66
CA LYS D 247 -10.23 -23.42 -5.84
C LYS D 247 -11.71 -23.14 -5.57
N GLY D 248 -12.39 -22.48 -6.51
CA GLY D 248 -13.81 -22.09 -6.38
C GLY D 248 -14.04 -21.35 -5.08
N GLY D 249 -13.08 -20.52 -4.69
CA GLY D 249 -13.13 -19.62 -3.52
C GLY D 249 -12.84 -20.31 -2.21
N ALA D 250 -12.62 -21.62 -2.20
CA ALA D 250 -12.38 -22.37 -0.95
C ALA D 250 -10.93 -22.81 -0.89
N LEU D 251 -10.35 -22.84 0.31
CA LEU D 251 -9.03 -23.46 0.53
C LEU D 251 -9.14 -24.90 0.10
N THR D 252 -8.19 -25.35 -0.68
CA THR D 252 -8.03 -26.81 -0.92
C THR D 252 -7.55 -27.43 0.41
N SER D 253 -7.47 -28.76 0.51
CA SER D 253 -6.95 -29.37 1.75
C SER D 253 -5.51 -28.94 2.01
N VAL D 254 -4.76 -28.68 0.94
CA VAL D 254 -3.36 -28.18 1.08
C VAL D 254 -3.40 -26.73 1.57
N GLY D 255 -4.27 -25.91 0.99
CA GLY D 255 -4.42 -24.54 1.51
C GLY D 255 -4.81 -24.53 2.98
N LYS D 256 -5.75 -25.39 3.37
CA LYS D 256 -6.17 -25.46 4.79
C LYS D 256 -4.96 -25.87 5.66
N ALA D 257 -4.16 -26.85 5.23
CA ALA D 257 -2.98 -27.31 5.96
C ALA D 257 -2.01 -26.13 6.14
N TYR D 258 -1.79 -25.39 5.06
CA TYR D 258 -0.90 -24.21 5.13
C TYR D 258 -1.44 -23.17 6.13
N LYS D 259 -2.75 -23.03 6.29
CA LYS D 259 -3.35 -22.04 7.25
C LYS D 259 -3.30 -22.58 8.69
N THR D 260 -3.31 -23.90 8.93
CA THR D 260 -3.61 -24.47 10.26
C THR D 260 -2.39 -25.13 10.92
N ILE D 261 -1.44 -25.66 10.16
CA ILE D 261 -0.26 -26.34 10.78
C ILE D 261 0.56 -25.36 11.64
#